data_3A24
#
_entry.id   3A24
#
_cell.length_a   122.962
_cell.length_b   167.100
_cell.length_c   192.182
_cell.angle_alpha   90.00
_cell.angle_beta   90.00
_cell.angle_gamma   90.00
#
_symmetry.space_group_name_H-M   'I 2 2 2'
#
loop_
_entity.id
_entity.type
_entity.pdbx_description
1 polymer alpha-galactosidase
2 non-polymer '2-(N-MORPHOLINO)-ETHANESULFONIC ACID'
3 non-polymer 'CALCIUM ION'
4 water water
#
_entity_poly.entity_id   1
_entity_poly.type   'polypeptide(L)'
_entity_poly.pdbx_seq_one_letter_code
;RHMELSPDGNLKTTITIGDRLTYDITCNGRQILTPSPISMTLDNGTVWGENAKLSGTSRKSVDEMIPSPFYRASELRNHY
NGLTLRFKKDWNVEFRAYNDGIAYRFVNQGKKPFRVVTEVSDYCFPSDMTASVPYVKSGKDGDYNSQFFNSFENTYTTDK
LSKLNKQRLMFLPLVVDAGDGVKVCITESDLENYPGLYLSASEGANRLSSMHAPYPKRTVQGGHNQLQMLVKEHEDYIAK
VDKPRNFPWRIAVVTTTDKDLAATNLSYLLGAPSRMSDLSWIKPGKVAWDWWNDWNLDGVDFVTGVNNPTYKAYIDFASA
NGIEYVILDEGWAVNLQADLMQVVKEIDLKELVDYAASKNVGIILWAGYHAFERDMENVCRHYAEMGVKGFKVDFMDRDD
QEMTAFNYRAAEMCAKYKLILDLHGTHKPAGLNRTYPNVLNFEGVNGLEQMKWSSPSVDQVKYDVMIPFIRQVSGPMDYT
QGAMRNASKGNYYPCYSEPMSQGTRCRQLALYVVFESPFNMLCDTPSNYMREPESTAFIAEIPTVWDESIVLDGKMGEYI
VTARRKGDVWYVGGITDWSARDIEVDCSFLGDKSYHATLFKDGVNAHRAGRDYKCESFPIKKDGKLKVHLAPGGGFALKI
K
;
_entity_poly.pdbx_strand_id   A,B
#
# COMPACT_ATOMS: atom_id res chain seq x y z
N ARG A 1 -10.55 7.61 53.53
CA ARG A 1 -9.44 8.37 52.87
C ARG A 1 -8.45 7.42 52.15
N HIS A 2 -8.43 7.51 50.81
CA HIS A 2 -7.56 6.65 50.00
C HIS A 2 -6.68 7.45 49.02
N MET A 3 -5.39 7.08 48.98
CA MET A 3 -4.42 7.74 48.12
C MET A 3 -4.03 6.92 46.90
N GLU A 4 -3.79 7.62 45.79
CA GLU A 4 -3.35 6.99 44.56
C GLU A 4 -2.44 7.93 43.80
N LEU A 5 -1.27 7.42 43.41
CA LEU A 5 -0.26 8.20 42.71
C LEU A 5 0.02 7.69 41.31
N SER A 6 0.46 8.61 40.44
CA SER A 6 0.80 8.27 39.07
C SER A 6 2.06 7.42 39.11
N PRO A 7 2.28 6.60 38.06
CA PRO A 7 3.48 5.75 38.02
C PRO A 7 4.78 6.47 38.39
N ASP A 8 4.91 7.74 38.01
CA ASP A 8 6.13 8.47 38.35
C ASP A 8 6.04 9.16 39.71
N GLY A 9 4.91 8.99 40.38
CA GLY A 9 4.71 9.57 41.70
C GLY A 9 4.61 11.09 41.84
N ASN A 10 4.58 11.82 40.74
CA ASN A 10 4.49 13.27 40.85
C ASN A 10 3.07 13.82 40.78
N LEU A 11 2.10 12.96 40.49
CA LEU A 11 0.71 13.38 40.43
C LEU A 11 -0.08 12.44 41.34
N LYS A 12 -0.82 13.00 42.29
CA LYS A 12 -1.59 12.16 43.19
C LYS A 12 -2.97 12.72 43.55
N THR A 13 -3.89 11.81 43.79
CA THR A 13 -5.24 12.18 44.15
C THR A 13 -5.63 11.52 45.47
N THR A 14 -6.13 12.31 46.40
CA THR A 14 -6.58 11.80 47.68
C THR A 14 -8.10 11.72 47.60
N ILE A 15 -8.64 10.53 47.85
CA ILE A 15 -10.07 10.34 47.80
C ILE A 15 -10.61 10.18 49.21
N THR A 16 -11.63 10.95 49.55
CA THR A 16 -12.22 10.89 50.89
C THR A 16 -13.68 10.46 50.84
N ILE A 17 -14.00 9.44 51.62
CA ILE A 17 -15.37 8.94 51.70
C ILE A 17 -15.96 9.36 53.04
N GLY A 18 -16.53 10.56 53.07
CA GLY A 18 -17.13 11.07 54.28
C GLY A 18 -18.57 11.43 54.01
N ASP A 19 -19.04 12.54 54.57
CA ASP A 19 -20.42 12.95 54.33
C ASP A 19 -20.58 13.12 52.83
N ARG A 20 -19.47 13.42 52.16
CA ARG A 20 -19.43 13.59 50.71
C ARG A 20 -18.25 12.80 50.13
N LEU A 21 -18.35 12.42 48.86
CA LEU A 21 -17.27 11.70 48.19
C LEU A 21 -16.44 12.72 47.41
N THR A 22 -15.26 13.02 47.90
CA THR A 22 -14.40 14.00 47.25
C THR A 22 -13.03 13.47 46.84
N TYR A 23 -12.41 14.17 45.89
CA TYR A 23 -11.07 13.80 45.42
C TYR A 23 -10.37 15.11 45.06
N ASP A 24 -9.10 15.21 45.41
CA ASP A 24 -8.35 16.41 45.10
C ASP A 24 -7.22 16.03 44.16
N ILE A 25 -6.37 16.98 43.82
CA ILE A 25 -5.25 16.72 42.94
C ILE A 25 -4.04 17.51 43.41
N THR A 26 -2.90 16.82 43.52
CA THR A 26 -1.67 17.44 43.93
C THR A 26 -0.60 17.16 42.88
N CYS A 27 0.05 18.21 42.40
CA CYS A 27 1.08 18.09 41.38
C CYS A 27 2.42 18.55 41.93
N ASN A 28 3.38 17.63 42.00
CA ASN A 28 4.70 17.96 42.53
C ASN A 28 4.56 18.63 43.90
N GLY A 29 3.76 18.02 44.76
CA GLY A 29 3.56 18.55 46.10
C GLY A 29 2.61 19.72 46.25
N ARG A 30 2.23 20.34 45.14
CA ARG A 30 1.32 21.48 45.19
C ARG A 30 -0.11 21.07 44.91
N GLN A 31 -1.03 21.45 45.78
CA GLN A 31 -2.44 21.12 45.59
C GLN A 31 -3.03 22.05 44.54
N ILE A 32 -3.36 21.52 43.37
CA ILE A 32 -3.94 22.34 42.31
C ILE A 32 -5.45 22.22 42.27
N LEU A 33 -5.98 21.22 42.97
CA LEU A 33 -7.42 21.02 43.03
C LEU A 33 -7.77 20.64 44.47
N THR A 34 -8.62 21.45 45.11
CA THR A 34 -9.04 21.17 46.48
C THR A 34 -10.08 20.05 46.43
N PRO A 35 -10.36 19.41 47.57
CA PRO A 35 -11.35 18.32 47.62
C PRO A 35 -12.63 18.70 46.86
N SER A 36 -12.96 17.92 45.84
CA SER A 36 -14.13 18.20 45.02
C SER A 36 -15.13 17.05 45.04
N PRO A 37 -16.40 17.34 45.34
CA PRO A 37 -17.48 16.36 45.41
C PRO A 37 -17.96 15.79 44.08
N ILE A 38 -18.36 14.52 44.10
CA ILE A 38 -18.87 13.84 42.92
C ILE A 38 -20.04 12.95 43.36
N SER A 39 -21.07 12.85 42.53
CA SER A 39 -22.22 12.02 42.86
C SER A 39 -23.22 11.91 41.73
N MET A 40 -24.14 10.97 41.86
CA MET A 40 -25.19 10.73 40.90
C MET A 40 -26.50 10.53 41.65
N THR A 41 -27.54 11.25 41.26
CA THR A 41 -28.85 11.14 41.91
C THR A 41 -29.82 10.35 41.05
N LEU A 42 -30.35 9.26 41.60
CA LEU A 42 -31.29 8.42 40.88
C LEU A 42 -32.73 8.82 41.18
N ASP A 43 -33.64 8.43 40.30
CA ASP A 43 -35.06 8.76 40.45
C ASP A 43 -35.71 8.15 41.69
N ASN A 44 -35.12 7.10 42.24
CA ASN A 44 -35.66 6.45 43.42
C ASN A 44 -35.19 7.12 44.71
N GLY A 45 -34.48 8.23 44.57
CA GLY A 45 -34.00 8.95 45.75
C GLY A 45 -32.57 8.63 46.15
N THR A 46 -32.03 7.51 45.67
CA THR A 46 -30.66 7.13 46.01
C THR A 46 -29.66 8.17 45.50
N VAL A 47 -28.58 8.36 46.25
CA VAL A 47 -27.55 9.31 45.85
C VAL A 47 -26.16 8.74 46.09
N TRP A 48 -25.55 8.20 45.04
CA TRP A 48 -24.21 7.64 45.15
C TRP A 48 -23.23 8.79 45.40
N GLY A 49 -22.56 8.76 46.55
CA GLY A 49 -21.62 9.81 46.87
C GLY A 49 -21.94 10.46 48.20
N GLU A 50 -23.22 10.48 48.54
CA GLU A 50 -23.69 11.05 49.81
C GLU A 50 -23.62 9.98 50.90
N ASN A 51 -22.78 10.20 51.90
CA ASN A 51 -22.63 9.25 53.00
C ASN A 51 -22.55 7.84 52.41
N ALA A 52 -21.62 7.66 51.47
CA ALA A 52 -21.43 6.38 50.80
C ALA A 52 -20.96 5.28 51.75
N LYS A 53 -21.33 4.04 51.43
CA LYS A 53 -20.93 2.90 52.25
C LYS A 53 -19.95 2.01 51.47
N LEU A 54 -18.68 2.12 51.83
CA LEU A 54 -17.61 1.35 51.19
C LEU A 54 -17.65 -0.12 51.57
N SER A 55 -17.65 -1.00 50.56
CA SER A 55 -17.68 -2.44 50.82
C SER A 55 -16.34 -3.09 50.49
N GLY A 56 -15.60 -2.50 49.57
CA GLY A 56 -14.30 -3.05 49.20
C GLY A 56 -13.55 -2.23 48.17
N THR A 57 -12.24 -2.46 48.07
CA THR A 57 -11.40 -1.73 47.11
C THR A 57 -10.36 -2.66 46.51
N SER A 58 -9.97 -2.39 45.27
CA SER A 58 -8.94 -3.18 44.59
C SER A 58 -8.04 -2.28 43.76
N ARG A 59 -6.72 -2.40 43.97
CA ARG A 59 -5.76 -1.59 43.23
C ARG A 59 -5.09 -2.39 42.12
N LYS A 60 -4.53 -1.68 41.14
CA LYS A 60 -3.85 -2.32 40.02
C LYS A 60 -2.86 -1.37 39.37
N SER A 61 -1.85 -1.93 38.70
CA SER A 61 -0.84 -1.16 37.99
C SER A 61 -0.77 -1.73 36.59
N VAL A 62 -1.07 -0.90 35.60
CA VAL A 62 -1.07 -1.32 34.20
C VAL A 62 -0.14 -0.51 33.31
N ASP A 63 0.51 -1.20 32.39
CA ASP A 63 1.39 -0.56 31.44
C ASP A 63 1.27 -1.40 30.16
N GLU A 64 0.66 -0.83 29.14
CA GLU A 64 0.44 -1.55 27.89
C GLU A 64 0.33 -0.59 26.70
N MET A 65 0.25 -1.16 25.51
CA MET A 65 0.10 -0.36 24.30
C MET A 65 -1.31 -0.58 23.75
N ILE A 66 -1.99 0.52 23.44
CA ILE A 66 -3.33 0.44 22.88
C ILE A 66 -3.24 0.75 21.39
N PRO A 67 -3.72 -0.18 20.54
CA PRO A 67 -3.67 0.08 19.10
C PRO A 67 -4.55 1.27 18.76
N SER A 68 -4.03 2.18 17.93
CA SER A 68 -4.79 3.37 17.55
C SER A 68 -4.70 3.66 16.06
N PRO A 69 -5.48 2.92 15.25
CA PRO A 69 -5.47 3.11 13.79
C PRO A 69 -6.15 4.41 13.37
N PHE A 70 -5.76 4.94 12.22
CA PHE A 70 -6.35 6.17 11.70
C PHE A 70 -6.23 7.32 12.69
N TYR A 71 -5.09 7.43 13.34
CA TYR A 71 -4.90 8.48 14.33
C TYR A 71 -3.48 9.05 14.34
N ARG A 72 -2.97 9.41 15.52
CA ARG A 72 -1.65 10.01 15.64
C ARG A 72 -0.44 9.08 15.75
N ALA A 73 -0.70 7.78 15.91
CA ALA A 73 0.38 6.82 16.00
C ALA A 73 -0.18 5.42 15.82
N SER A 74 0.67 4.46 15.49
CA SER A 74 0.20 3.10 15.30
C SER A 74 -0.41 2.59 16.62
N GLU A 75 0.18 3.02 17.74
CA GLU A 75 -0.32 2.62 19.06
C GLU A 75 0.04 3.66 20.14
N LEU A 76 -0.76 3.71 21.19
CA LEU A 76 -0.57 4.66 22.28
C LEU A 76 -0.33 3.95 23.61
N ARG A 77 0.59 4.48 24.41
CA ARG A 77 0.91 3.89 25.70
C ARG A 77 -0.12 4.21 26.79
N ASN A 78 -0.56 3.16 27.49
CA ASN A 78 -1.54 3.26 28.56
C ASN A 78 -0.81 2.85 29.85
N HIS A 79 -0.33 3.84 30.60
CA HIS A 79 0.45 3.60 31.81
C HIS A 79 -0.17 4.29 33.02
N TYR A 80 -0.63 3.51 34.00
CA TYR A 80 -1.27 4.11 35.18
C TYR A 80 -1.40 3.18 36.39
N ASN A 81 -1.94 3.75 37.46
CA ASN A 81 -2.21 3.05 38.70
C ASN A 81 -3.71 3.22 38.91
N GLY A 82 -4.43 2.12 39.02
CA GLY A 82 -5.87 2.21 39.20
C GLY A 82 -6.37 1.87 40.59
N LEU A 83 -7.43 2.56 41.00
CA LEU A 83 -8.04 2.34 42.31
C LEU A 83 -9.55 2.30 42.11
N THR A 84 -10.13 1.13 42.33
CA THR A 84 -11.58 0.99 42.19
C THR A 84 -12.21 0.95 43.57
N LEU A 85 -13.25 1.75 43.76
CA LEU A 85 -13.96 1.78 45.03
C LEU A 85 -15.33 1.17 44.84
N ARG A 86 -15.58 0.06 45.53
CA ARG A 86 -16.88 -0.62 45.45
C ARG A 86 -17.71 -0.18 46.63
N PHE A 87 -18.95 0.21 46.35
CA PHE A 87 -19.85 0.69 47.40
C PHE A 87 -21.08 -0.19 47.54
N LYS A 88 -21.59 -0.26 48.77
CA LYS A 88 -22.76 -1.05 49.05
C LYS A 88 -23.94 -0.44 48.29
N LYS A 89 -24.52 -1.26 47.41
CA LYS A 89 -25.67 -0.91 46.58
C LYS A 89 -25.43 -1.15 45.09
N ASP A 90 -24.43 -1.99 44.78
CA ASP A 90 -24.11 -2.32 43.39
C ASP A 90 -23.61 -1.17 42.51
N TRP A 91 -22.75 -0.31 43.06
CA TRP A 91 -22.18 0.78 42.28
C TRP A 91 -20.74 1.03 42.69
N ASN A 92 -19.90 1.33 41.69
CA ASN A 92 -18.49 1.58 41.92
C ASN A 92 -18.03 2.90 41.28
N VAL A 93 -16.82 3.30 41.67
CA VAL A 93 -16.18 4.49 41.14
C VAL A 93 -14.74 4.07 40.87
N GLU A 94 -14.33 4.10 39.60
CA GLU A 94 -12.97 3.72 39.24
C GLU A 94 -12.11 4.98 39.11
N PHE A 95 -10.90 4.92 39.66
CA PHE A 95 -9.97 6.03 39.60
C PHE A 95 -8.68 5.60 38.94
N ARG A 96 -8.11 6.46 38.11
CA ARG A 96 -6.85 6.17 37.45
C ARG A 96 -5.91 7.36 37.56
N ALA A 97 -4.65 7.07 37.83
CA ALA A 97 -3.66 8.12 37.94
C ALA A 97 -2.55 7.92 36.91
N TYR A 98 -2.59 8.72 35.84
CA TYR A 98 -1.59 8.68 34.77
C TYR A 98 -0.59 9.78 35.12
N ASN A 99 0.59 9.76 34.51
CA ASN A 99 1.57 10.79 34.81
C ASN A 99 1.08 12.16 34.32
N ASP A 100 0.08 12.16 33.45
CA ASP A 100 -0.46 13.41 32.93
C ASP A 100 -1.95 13.61 33.18
N GLY A 101 -2.48 12.97 34.21
CA GLY A 101 -3.89 13.14 34.50
C GLY A 101 -4.55 12.24 35.53
N ILE A 102 -5.65 12.75 36.09
CA ILE A 102 -6.43 12.01 37.06
C ILE A 102 -7.81 11.86 36.43
N ALA A 103 -8.36 10.66 36.46
CA ALA A 103 -9.68 10.44 35.87
C ALA A 103 -10.50 9.45 36.70
N TYR A 104 -11.82 9.59 36.64
CA TYR A 104 -12.70 8.68 37.36
C TYR A 104 -13.98 8.48 36.57
N ARG A 105 -14.75 7.47 36.96
CA ARG A 105 -16.02 7.18 36.32
C ARG A 105 -16.86 6.33 37.24
N PHE A 106 -18.17 6.52 37.16
CA PHE A 106 -19.12 5.75 37.94
C PHE A 106 -19.40 4.49 37.16
N VAL A 107 -19.61 3.38 37.87
CA VAL A 107 -19.90 2.12 37.23
C VAL A 107 -21.17 1.55 37.86
N ASN A 108 -22.14 1.20 37.01
CA ASN A 108 -23.39 0.62 37.49
C ASN A 108 -23.38 -0.89 37.32
N GLN A 109 -23.32 -1.61 38.43
CA GLN A 109 -23.34 -3.07 38.40
C GLN A 109 -24.73 -3.55 38.83
N GLY A 110 -25.59 -2.61 39.17
CA GLY A 110 -26.95 -2.96 39.57
C GLY A 110 -27.62 -3.63 38.40
N LYS A 111 -28.63 -4.45 38.68
CA LYS A 111 -29.34 -5.15 37.62
C LYS A 111 -30.72 -4.55 37.38
N LYS A 112 -31.19 -3.75 38.32
CA LYS A 112 -32.52 -3.13 38.21
C LYS A 112 -32.47 -1.80 37.45
N PRO A 113 -33.41 -1.62 36.50
CA PRO A 113 -33.51 -0.39 35.69
C PRO A 113 -33.88 0.82 36.53
N PHE A 114 -33.25 1.96 36.23
CA PHE A 114 -33.52 3.20 36.95
C PHE A 114 -33.18 4.41 36.08
N ARG A 115 -33.28 5.61 36.64
CA ARG A 115 -32.98 6.82 35.91
C ARG A 115 -32.11 7.79 36.71
N VAL A 116 -31.27 8.54 36.00
CA VAL A 116 -30.40 9.52 36.64
C VAL A 116 -31.05 10.90 36.54
N VAL A 117 -31.27 11.52 37.69
CA VAL A 117 -31.90 12.83 37.71
C VAL A 117 -30.85 13.90 37.45
N THR A 118 -29.75 13.83 38.18
CA THR A 118 -28.66 14.77 38.01
C THR A 118 -27.36 14.13 38.46
N GLU A 119 -26.25 14.75 38.09
CA GLU A 119 -24.93 14.26 38.46
C GLU A 119 -24.08 15.42 38.92
N VAL A 120 -23.31 15.21 39.97
CA VAL A 120 -22.45 16.26 40.47
C VAL A 120 -21.00 15.93 40.18
N SER A 121 -20.32 16.88 39.55
CA SER A 121 -18.92 16.73 39.22
C SER A 121 -18.34 18.11 39.34
N ASP A 122 -17.91 18.45 40.54
CA ASP A 122 -17.35 19.77 40.78
C ASP A 122 -15.84 19.77 40.66
N TYR A 123 -15.30 20.97 40.42
CA TYR A 123 -13.88 21.17 40.28
C TYR A 123 -13.59 22.42 41.10
N CYS A 124 -13.17 22.20 42.34
CA CYS A 124 -12.86 23.29 43.26
C CYS A 124 -11.37 23.60 43.24
N PHE A 125 -11.05 24.83 42.83
CA PHE A 125 -9.66 25.26 42.76
C PHE A 125 -9.26 26.07 44.00
N PRO A 126 -7.98 25.96 44.40
CA PRO A 126 -7.43 26.66 45.57
C PRO A 126 -7.34 28.18 45.45
N SER A 127 -7.56 28.71 44.25
CA SER A 127 -7.47 30.15 44.05
C SER A 127 -8.19 30.61 42.79
N ASP A 128 -8.20 31.92 42.57
CA ASP A 128 -8.84 32.51 41.41
C ASP A 128 -7.92 32.37 40.20
N MET A 129 -7.82 31.15 39.67
CA MET A 129 -6.97 30.85 38.52
C MET A 129 -7.56 31.35 37.19
N THR A 130 -6.68 31.57 36.21
CA THR A 130 -7.12 32.03 34.90
C THR A 130 -7.57 30.84 34.05
N ALA A 131 -8.81 30.90 33.58
CA ALA A 131 -9.36 29.83 32.77
C ALA A 131 -9.54 30.25 31.31
N SER A 132 -9.46 29.27 30.42
CA SER A 132 -9.65 29.49 28.98
C SER A 132 -10.80 28.55 28.67
N VAL A 133 -11.97 29.12 28.40
CA VAL A 133 -13.15 28.31 28.14
C VAL A 133 -13.97 28.71 26.93
N PRO A 134 -14.67 27.74 26.32
CA PRO A 134 -15.50 27.97 25.15
C PRO A 134 -16.96 28.04 25.61
N TYR A 135 -17.52 29.24 25.66
CA TYR A 135 -18.91 29.42 26.07
C TYR A 135 -19.84 28.85 25.02
N VAL A 136 -21.04 28.46 25.42
CA VAL A 136 -22.02 27.97 24.46
C VAL A 136 -22.35 29.26 23.69
N LYS A 137 -22.34 29.19 22.36
CA LYS A 137 -22.60 30.37 21.55
C LYS A 137 -24.05 30.83 21.45
N SER A 138 -25.00 29.90 21.51
CA SER A 138 -26.40 30.28 21.39
C SER A 138 -27.18 30.38 22.70
N GLY A 139 -28.46 30.71 22.58
CA GLY A 139 -29.32 30.84 23.76
C GLY A 139 -29.08 32.12 24.51
N LYS A 140 -29.82 32.34 25.59
CA LYS A 140 -29.65 33.54 26.40
C LYS A 140 -29.15 33.22 27.80
N ASP A 141 -28.46 34.17 28.40
CA ASP A 141 -27.92 34.00 29.75
C ASP A 141 -29.01 33.63 30.75
N GLY A 142 -28.78 32.59 31.52
CA GLY A 142 -29.75 32.16 32.52
C GLY A 142 -30.75 31.14 32.01
N ASP A 143 -31.00 31.14 30.71
CA ASP A 143 -31.95 30.21 30.10
C ASP A 143 -31.19 29.00 29.58
N TYR A 144 -30.86 28.08 30.49
CA TYR A 144 -30.09 26.89 30.15
C TYR A 144 -30.67 25.96 29.09
N ASN A 145 -31.99 25.87 29.03
CA ASN A 145 -32.59 25.00 28.02
C ASN A 145 -32.43 25.64 26.65
N SER A 146 -32.16 26.94 26.65
CA SER A 146 -31.96 27.69 25.43
C SER A 146 -30.53 27.43 24.93
N GLN A 147 -29.65 27.14 25.86
CA GLN A 147 -28.25 26.88 25.54
C GLN A 147 -27.94 25.44 25.15
N PHE A 148 -28.74 24.49 25.62
CA PHE A 148 -28.52 23.07 25.29
C PHE A 148 -28.63 22.81 23.80
N PHE A 149 -29.30 23.71 23.08
CA PHE A 149 -29.45 23.59 21.64
C PHE A 149 -28.34 24.44 21.01
N ASN A 150 -27.18 23.83 20.74
CA ASN A 150 -26.06 24.57 20.17
C ASN A 150 -25.13 23.75 19.27
N SER A 151 -24.26 24.45 18.55
CA SER A 151 -23.30 23.85 17.62
C SER A 151 -21.99 23.40 18.24
N PHE A 152 -21.72 23.85 19.46
CA PHE A 152 -20.47 23.49 20.12
C PHE A 152 -19.31 24.08 19.32
N GLU A 153 -19.55 25.22 18.69
CA GLU A 153 -18.56 25.92 17.87
C GLU A 153 -18.32 27.31 18.45
N ASN A 154 -17.17 27.54 19.06
CA ASN A 154 -16.89 28.86 19.63
C ASN A 154 -15.42 29.04 19.96
N THR A 155 -14.98 30.29 19.99
CA THR A 155 -13.60 30.59 20.33
C THR A 155 -13.48 30.56 21.84
N TYR A 156 -12.28 30.76 22.34
CA TYR A 156 -12.04 30.71 23.77
C TYR A 156 -12.01 32.06 24.44
N THR A 157 -12.55 32.10 25.66
CA THR A 157 -12.55 33.31 26.46
C THR A 157 -11.60 33.02 27.61
N THR A 158 -10.57 33.85 27.77
CA THR A 158 -9.60 33.65 28.83
C THR A 158 -9.80 34.72 29.92
N ASP A 159 -10.11 34.27 31.13
CA ASP A 159 -10.33 35.17 32.25
C ASP A 159 -10.32 34.43 33.58
N LYS A 160 -10.22 35.18 34.67
CA LYS A 160 -10.21 34.59 36.00
C LYS A 160 -11.56 33.93 36.29
N LEU A 161 -11.54 32.82 37.02
CA LEU A 161 -12.75 32.09 37.36
C LEU A 161 -13.83 33.02 37.92
N SER A 162 -13.42 33.96 38.76
CA SER A 162 -14.34 34.92 39.38
C SER A 162 -14.97 35.91 38.40
N LYS A 163 -14.41 36.04 37.21
CA LYS A 163 -14.94 36.97 36.23
C LYS A 163 -15.69 36.30 35.08
N LEU A 164 -15.83 34.99 35.14
CA LEU A 164 -16.54 34.26 34.09
C LEU A 164 -18.03 34.55 34.18
N ASN A 165 -18.71 34.46 33.05
CA ASN A 165 -20.15 34.68 33.02
C ASN A 165 -20.75 33.54 33.83
N LYS A 166 -21.41 33.88 34.94
CA LYS A 166 -22.01 32.86 35.81
C LYS A 166 -23.35 32.31 35.30
N GLN A 167 -23.82 32.84 34.18
CA GLN A 167 -25.10 32.39 33.63
C GLN A 167 -25.02 31.74 32.26
N ARG A 168 -23.81 31.41 31.82
CA ARG A 168 -23.65 30.78 30.51
C ARG A 168 -22.77 29.54 30.59
N LEU A 169 -23.27 28.44 30.03
CA LEU A 169 -22.54 27.18 30.07
C LEU A 169 -21.27 27.17 29.21
N MET A 170 -20.35 26.30 29.59
CA MET A 170 -19.08 26.15 28.87
C MET A 170 -18.99 24.67 28.50
N PHE A 171 -18.79 24.36 27.22
CA PHE A 171 -18.67 22.98 26.81
C PHE A 171 -17.22 22.54 26.92
N LEU A 172 -16.97 21.25 26.79
CA LEU A 172 -15.61 20.71 26.93
C LEU A 172 -14.93 20.41 25.60
N PRO A 173 -13.59 20.35 25.60
CA PRO A 173 -12.73 20.58 26.78
C PRO A 173 -12.53 22.05 27.12
N LEU A 174 -11.96 22.30 28.30
CA LEU A 174 -11.63 23.66 28.73
C LEU A 174 -10.38 23.54 29.60
N VAL A 175 -9.66 24.65 29.75
CA VAL A 175 -8.43 24.64 30.53
C VAL A 175 -8.41 25.66 31.66
N VAL A 176 -7.74 25.28 32.75
CA VAL A 176 -7.59 26.17 33.89
C VAL A 176 -6.08 26.24 34.16
N ASP A 177 -5.54 27.47 34.13
CA ASP A 177 -4.13 27.71 34.36
C ASP A 177 -3.85 27.69 35.86
N ALA A 178 -3.21 26.63 36.35
CA ALA A 178 -2.91 26.52 37.78
C ALA A 178 -1.70 27.35 38.18
N GLY A 179 -1.11 28.05 37.22
CA GLY A 179 0.05 28.86 37.50
C GLY A 179 1.33 28.05 37.53
N ASP A 180 2.46 28.74 37.45
CA ASP A 180 3.77 28.10 37.46
C ASP A 180 3.88 27.09 36.32
N GLY A 181 3.25 27.41 35.19
CA GLY A 181 3.30 26.54 34.04
C GLY A 181 2.41 25.31 34.08
N VAL A 182 1.76 25.04 35.21
CA VAL A 182 0.89 23.88 35.30
C VAL A 182 -0.47 24.17 34.69
N LYS A 183 -0.98 23.23 33.91
CA LYS A 183 -2.30 23.39 33.27
C LYS A 183 -3.19 22.22 33.63
N VAL A 184 -4.48 22.49 33.74
CA VAL A 184 -5.47 21.45 34.01
C VAL A 184 -6.50 21.51 32.89
N CYS A 185 -6.59 20.44 32.12
CA CYS A 185 -7.56 20.41 31.03
C CYS A 185 -8.65 19.41 31.37
N ILE A 186 -9.87 19.91 31.49
CA ILE A 186 -11.00 19.05 31.84
C ILE A 186 -11.76 18.61 30.61
N THR A 187 -12.02 17.30 30.51
CA THR A 187 -12.77 16.76 29.40
C THR A 187 -13.37 15.44 29.83
N GLU A 188 -14.06 14.76 28.92
CA GLU A 188 -14.68 13.49 29.23
C GLU A 188 -14.58 12.56 28.02
N SER A 189 -14.57 11.26 28.25
CA SER A 189 -14.47 10.30 27.15
C SER A 189 -15.44 9.14 27.37
N ASP A 190 -15.67 8.36 26.30
CA ASP A 190 -16.61 7.23 26.31
C ASP A 190 -17.98 7.80 26.59
N LEU A 191 -18.35 8.82 25.82
CA LEU A 191 -19.63 9.48 25.96
C LEU A 191 -20.70 8.79 25.11
N GLU A 192 -21.04 7.56 25.48
CA GLU A 192 -22.06 6.80 24.77
C GLU A 192 -23.36 6.71 25.56
N ASN A 193 -24.47 7.02 24.90
CA ASN A 193 -25.79 6.97 25.51
C ASN A 193 -25.85 7.61 26.90
N TYR A 194 -25.34 8.84 26.99
CA TYR A 194 -25.34 9.60 28.24
C TYR A 194 -25.19 11.06 27.82
N PRO A 195 -25.82 11.99 28.56
CA PRO A 195 -25.71 13.41 28.21
C PRO A 195 -24.30 13.97 28.37
N GLY A 196 -23.97 14.95 27.53
CA GLY A 196 -22.66 15.57 27.59
C GLY A 196 -22.52 16.45 28.81
N LEU A 197 -21.30 16.59 29.32
CA LEU A 197 -21.07 17.39 30.51
C LEU A 197 -20.63 18.82 30.24
N TYR A 198 -21.44 19.76 30.74
CA TYR A 198 -21.16 21.19 30.62
C TYR A 198 -20.62 21.63 31.97
N LEU A 199 -19.88 22.75 31.98
CA LEU A 199 -19.37 23.29 33.24
C LEU A 199 -19.96 24.68 33.43
N SER A 200 -20.12 25.08 34.69
CA SER A 200 -20.72 26.37 35.02
C SER A 200 -20.01 27.04 36.20
N ALA A 201 -20.00 28.37 36.19
CA ALA A 201 -19.36 29.14 37.25
C ALA A 201 -20.43 29.78 38.13
N SER A 202 -21.64 29.25 38.04
CA SER A 202 -22.77 29.77 38.80
C SER A 202 -22.70 29.52 40.31
N GLU A 203 -22.02 28.45 40.71
CA GLU A 203 -21.95 28.12 42.12
C GLU A 203 -20.57 28.25 42.77
N GLY A 204 -20.57 28.80 43.99
CA GLY A 204 -19.35 28.98 44.75
C GLY A 204 -18.28 29.86 44.17
N ALA A 205 -17.12 29.84 44.82
CA ALA A 205 -15.97 30.64 44.41
C ALA A 205 -14.85 29.73 43.90
N ASN A 206 -14.21 30.16 42.81
CA ASN A 206 -13.13 29.39 42.21
C ASN A 206 -13.60 27.96 42.00
N ARG A 207 -14.86 27.81 41.59
CA ARG A 207 -15.44 26.51 41.38
C ARG A 207 -16.23 26.36 40.09
N LEU A 208 -15.93 25.30 39.35
CA LEU A 208 -16.63 24.99 38.11
C LEU A 208 -17.55 23.82 38.44
N SER A 209 -18.84 23.99 38.15
CA SER A 209 -19.83 22.97 38.46
C SER A 209 -20.43 22.39 37.18
N SER A 210 -20.91 21.16 37.24
CA SER A 210 -21.48 20.52 36.06
C SER A 210 -22.98 20.68 35.91
N MET A 211 -23.44 20.41 34.68
CA MET A 211 -24.85 20.46 34.33
C MET A 211 -25.01 19.64 33.06
N HIS A 212 -26.15 18.96 32.91
CA HIS A 212 -26.40 18.15 31.73
C HIS A 212 -27.74 18.50 31.10
N ALA A 213 -27.85 18.31 29.80
CA ALA A 213 -29.10 18.58 29.10
C ALA A 213 -30.07 17.50 29.55
N PRO A 214 -31.29 17.90 29.95
CA PRO A 214 -32.30 16.93 30.39
C PRO A 214 -32.74 16.03 29.27
N TYR A 215 -33.31 14.88 29.61
CA TYR A 215 -33.79 13.93 28.62
C TYR A 215 -34.97 14.58 27.91
N PRO A 216 -35.08 14.39 26.59
CA PRO A 216 -36.19 14.97 25.82
C PRO A 216 -37.47 14.13 25.86
N LYS A 217 -38.61 14.78 26.05
CA LYS A 217 -39.89 14.07 26.07
C LYS A 217 -40.68 14.36 24.80
N ARG A 218 -40.37 15.47 24.16
CA ARG A 218 -41.05 15.84 22.92
C ARG A 218 -40.13 16.67 22.00
N THR A 219 -39.86 16.14 20.82
CA THR A 219 -39.00 16.83 19.85
C THR A 219 -39.81 17.12 18.59
N VAL A 220 -39.49 18.23 17.93
CA VAL A 220 -40.20 18.63 16.72
C VAL A 220 -39.25 18.97 15.57
N GLN A 221 -39.63 18.55 14.36
CA GLN A 221 -38.82 18.82 13.18
C GLN A 221 -38.77 20.31 12.91
N GLY A 222 -37.63 20.79 12.46
CA GLY A 222 -37.48 22.20 12.17
C GLY A 222 -36.02 22.59 11.97
N GLY A 223 -35.68 23.81 12.36
CA GLY A 223 -34.31 24.28 12.22
C GLY A 223 -33.82 24.36 10.78
N HIS A 224 -32.50 24.28 10.63
CA HIS A 224 -31.83 24.36 9.34
C HIS A 224 -32.50 23.53 8.25
N ASN A 225 -33.28 24.20 7.39
CA ASN A 225 -33.99 23.55 6.30
C ASN A 225 -34.76 22.28 6.70
N GLN A 226 -35.39 22.33 7.88
CA GLN A 226 -36.18 21.21 8.38
C GLN A 226 -35.41 19.89 8.53
N LEU A 227 -34.12 19.99 8.86
CA LEU A 227 -33.29 18.80 9.03
C LEU A 227 -32.94 18.55 10.49
N GLN A 228 -33.50 19.35 11.38
CA GLN A 228 -33.21 19.21 12.80
C GLN A 228 -34.42 18.77 13.63
N MET A 229 -34.15 18.14 14.76
CA MET A 229 -35.20 17.71 15.66
C MET A 229 -35.02 18.50 16.96
N LEU A 230 -35.74 19.60 17.08
CA LEU A 230 -35.65 20.45 18.26
C LEU A 230 -36.35 19.87 19.48
N VAL A 231 -35.77 20.11 20.65
CA VAL A 231 -36.33 19.63 21.91
C VAL A 231 -37.24 20.71 22.48
N LYS A 232 -38.55 20.46 22.43
CA LYS A 232 -39.52 21.42 22.93
C LYS A 232 -39.87 21.16 24.40
N GLU A 233 -39.89 19.90 24.78
CA GLU A 233 -40.18 19.52 26.16
C GLU A 233 -39.17 18.51 26.66
N HIS A 234 -38.84 18.59 27.95
CA HIS A 234 -37.86 17.69 28.54
C HIS A 234 -38.36 17.02 29.82
N GLU A 235 -37.80 15.86 30.12
CA GLU A 235 -38.16 15.11 31.32
C GLU A 235 -37.49 15.73 32.53
N ASP A 236 -37.74 15.14 33.71
CA ASP A 236 -37.16 15.65 34.95
C ASP A 236 -35.91 14.88 35.37
N TYR A 237 -35.33 14.16 34.41
CA TYR A 237 -34.11 13.41 34.65
C TYR A 237 -33.21 13.56 33.43
N ILE A 238 -31.92 13.28 33.57
CA ILE A 238 -30.99 13.44 32.47
C ILE A 238 -30.69 12.18 31.66
N ALA A 239 -30.85 11.00 32.26
CA ALA A 239 -30.56 9.78 31.52
C ALA A 239 -31.28 8.54 32.02
N LYS A 240 -31.54 7.62 31.09
CA LYS A 240 -32.19 6.35 31.39
C LYS A 240 -31.10 5.27 31.40
N VAL A 241 -31.19 4.35 32.35
CA VAL A 241 -30.22 3.27 32.43
C VAL A 241 -30.93 1.98 32.84
N ASP A 242 -30.83 0.96 32.02
CA ASP A 242 -31.49 -0.31 32.31
C ASP A 242 -30.60 -1.53 32.19
N LYS A 243 -29.29 -1.34 32.32
CA LYS A 243 -28.33 -2.44 32.25
C LYS A 243 -27.06 -2.02 32.97
N PRO A 244 -26.28 -3.00 33.46
CA PRO A 244 -25.03 -2.63 34.15
C PRO A 244 -24.19 -1.89 33.10
N ARG A 245 -23.45 -0.88 33.50
CA ARG A 245 -22.65 -0.13 32.54
C ARG A 245 -21.65 0.82 33.16
N ASN A 246 -20.67 1.23 32.37
CA ASN A 246 -19.68 2.20 32.79
C ASN A 246 -20.27 3.53 32.37
N PHE A 247 -20.00 4.58 33.15
CA PHE A 247 -20.48 5.88 32.77
C PHE A 247 -19.25 6.60 32.22
N PRO A 248 -19.46 7.73 31.52
CA PRO A 248 -18.34 8.49 30.95
C PRO A 248 -17.24 8.84 31.94
N TRP A 249 -15.99 8.81 31.48
CA TRP A 249 -14.86 9.17 32.31
C TRP A 249 -14.81 10.68 32.44
N ARG A 250 -14.51 11.17 33.64
CA ARG A 250 -14.36 12.60 33.86
C ARG A 250 -12.84 12.74 33.96
N ILE A 251 -12.26 13.41 32.98
CA ILE A 251 -10.81 13.53 32.91
C ILE A 251 -10.23 14.88 33.26
N ALA A 252 -9.25 14.87 34.15
CA ALA A 252 -8.56 16.07 34.56
C ALA A 252 -7.11 15.94 34.10
N VAL A 253 -6.84 16.35 32.86
CA VAL A 253 -5.48 16.30 32.34
C VAL A 253 -4.67 17.31 33.13
N VAL A 254 -3.49 16.92 33.57
CA VAL A 254 -2.62 17.82 34.32
C VAL A 254 -1.22 17.74 33.74
N THR A 255 -0.69 18.87 33.30
CA THR A 255 0.64 18.93 32.69
C THR A 255 1.53 20.04 33.25
N THR A 256 2.84 19.84 33.16
CA THR A 256 3.81 20.82 33.64
C THR A 256 4.47 21.61 32.50
N THR A 257 4.16 21.22 31.27
CA THR A 257 4.65 21.90 30.06
C THR A 257 3.50 21.76 29.06
N ASP A 258 3.19 22.84 28.36
CA ASP A 258 2.08 22.83 27.40
C ASP A 258 2.18 21.78 26.30
N LYS A 259 3.39 21.40 25.91
CA LYS A 259 3.50 20.40 24.85
C LYS A 259 2.90 19.06 25.29
N ASP A 260 2.97 18.76 26.58
CA ASP A 260 2.40 17.50 27.09
C ASP A 260 0.88 17.55 27.05
N LEU A 261 0.32 18.75 27.11
CA LEU A 261 -1.12 18.93 27.06
C LEU A 261 -1.59 18.54 25.65
N ALA A 262 -0.92 19.12 24.65
CA ALA A 262 -1.27 18.84 23.26
C ALA A 262 -1.02 17.38 22.89
N ALA A 263 -0.08 16.74 23.57
CA ALA A 263 0.25 15.34 23.26
C ALA A 263 -0.54 14.27 24.03
N THR A 264 -1.19 14.65 25.12
CA THR A 264 -1.91 13.67 25.92
C THR A 264 -2.88 12.78 25.13
N ASN A 265 -2.79 11.47 25.38
CA ASN A 265 -3.65 10.49 24.70
C ASN A 265 -4.83 10.04 25.56
N LEU A 266 -4.97 10.59 26.77
CA LEU A 266 -6.04 10.20 27.68
C LEU A 266 -7.42 10.02 27.04
N SER A 267 -7.85 10.99 26.27
CA SER A 267 -9.15 10.89 25.63
C SER A 267 -9.32 9.57 24.86
N TYR A 268 -8.35 9.22 24.04
CA TYR A 268 -8.43 8.00 23.25
C TYR A 268 -8.25 6.74 24.11
N LEU A 269 -7.33 6.81 25.06
CA LEU A 269 -7.06 5.68 25.96
C LEU A 269 -8.27 5.33 26.79
N LEU A 270 -9.09 6.33 27.12
CA LEU A 270 -10.26 6.11 27.94
C LEU A 270 -11.56 5.95 27.17
N GLY A 271 -11.44 5.78 25.85
CA GLY A 271 -12.63 5.57 25.05
C GLY A 271 -12.92 4.08 25.08
N ALA A 272 -14.17 3.70 24.89
CA ALA A 272 -14.53 2.28 24.88
C ALA A 272 -13.78 1.60 23.75
N PRO A 273 -13.22 0.40 24.00
CA PRO A 273 -12.46 -0.38 23.02
C PRO A 273 -13.18 -0.53 21.67
N SER A 274 -12.40 -0.75 20.61
CA SER A 274 -12.96 -0.92 19.28
C SER A 274 -13.94 -2.11 19.22
N ARG A 275 -15.05 -1.92 18.52
CA ARG A 275 -16.05 -2.96 18.33
C ARG A 275 -16.01 -3.41 16.89
N MET A 276 -14.85 -3.24 16.26
CA MET A 276 -14.66 -3.61 14.87
C MET A 276 -13.47 -4.55 14.68
N SER A 277 -13.69 -5.63 13.92
CA SER A 277 -12.63 -6.60 13.66
C SER A 277 -11.92 -6.33 12.35
N ASP A 278 -12.69 -6.06 11.30
CA ASP A 278 -12.12 -5.78 9.98
C ASP A 278 -12.02 -4.29 9.73
N LEU A 279 -10.80 -3.81 9.50
CA LEU A 279 -10.57 -2.40 9.25
C LEU A 279 -10.00 -2.14 7.86
N SER A 280 -9.77 -3.22 7.12
CA SER A 280 -9.20 -3.14 5.78
C SER A 280 -9.99 -2.31 4.77
N TRP A 281 -11.25 -2.04 5.06
CA TRP A 281 -12.06 -1.25 4.15
C TRP A 281 -12.10 0.23 4.49
N ILE A 282 -11.63 0.58 5.69
CA ILE A 282 -11.62 1.99 6.11
C ILE A 282 -10.46 2.70 5.41
N LYS A 283 -10.81 3.69 4.60
CA LYS A 283 -9.80 4.42 3.85
C LYS A 283 -9.72 5.91 4.20
N PRO A 284 -8.71 6.30 4.99
CA PRO A 284 -8.59 7.71 5.34
C PRO A 284 -8.03 8.46 4.13
N GLY A 285 -8.24 9.78 4.10
CA GLY A 285 -7.72 10.55 2.98
C GLY A 285 -8.19 11.98 2.98
N LYS A 286 -8.06 12.65 1.84
CA LYS A 286 -8.47 14.04 1.74
C LYS A 286 -9.61 14.27 0.77
N VAL A 287 -10.20 15.46 0.86
CA VAL A 287 -11.33 15.81 0.01
C VAL A 287 -11.16 17.10 -0.76
N ALA A 288 -11.46 17.07 -2.06
CA ALA A 288 -11.43 18.28 -2.88
C ALA A 288 -12.81 18.83 -2.55
N TRP A 289 -12.91 19.47 -1.39
CA TRP A 289 -14.18 19.99 -0.90
C TRP A 289 -14.84 21.01 -1.82
N ASP A 290 -16.16 21.09 -1.72
CA ASP A 290 -16.94 22.00 -2.55
C ASP A 290 -17.55 23.19 -1.84
N TRP A 291 -18.16 22.94 -0.69
CA TRP A 291 -18.88 23.97 0.07
C TRP A 291 -18.13 25.23 0.53
N TRP A 292 -17.01 25.07 1.23
CA TRP A 292 -16.29 26.23 1.72
C TRP A 292 -16.06 27.28 0.63
N ASN A 293 -15.57 26.84 -0.51
CA ASN A 293 -15.30 27.73 -1.63
C ASN A 293 -16.52 28.02 -2.50
N ASP A 294 -17.70 27.63 -2.01
CA ASP A 294 -18.96 27.90 -2.69
C ASP A 294 -19.04 27.52 -4.17
N TRP A 295 -18.46 26.38 -4.56
CA TRP A 295 -18.51 25.93 -5.97
C TRP A 295 -18.00 27.00 -6.94
N ASN A 296 -17.29 28.00 -6.43
CA ASN A 296 -16.84 29.12 -7.25
C ASN A 296 -15.65 28.95 -8.20
N LEU A 297 -15.73 28.00 -9.12
CA LEU A 297 -14.63 27.79 -10.06
C LEU A 297 -14.61 28.88 -11.12
N ASP A 298 -13.44 29.11 -11.71
CA ASP A 298 -13.32 30.08 -12.79
C ASP A 298 -12.50 29.38 -13.85
N GLY A 299 -12.54 29.88 -15.08
CA GLY A 299 -11.79 29.24 -16.15
C GLY A 299 -12.47 28.02 -16.75
N VAL A 300 -13.78 27.87 -16.52
CA VAL A 300 -14.53 26.74 -17.07
C VAL A 300 -15.63 27.19 -18.04
N ASP A 301 -16.15 26.25 -18.82
CA ASP A 301 -17.17 26.57 -19.82
C ASP A 301 -18.61 26.34 -19.42
N PHE A 302 -18.84 25.98 -18.16
CA PHE A 302 -20.20 25.74 -17.68
C PHE A 302 -20.47 26.57 -16.44
N VAL A 303 -21.75 26.74 -16.12
CA VAL A 303 -22.15 27.52 -14.95
C VAL A 303 -22.00 26.64 -13.72
N THR A 304 -21.20 27.09 -12.77
CA THR A 304 -20.96 26.33 -11.55
C THR A 304 -22.16 26.33 -10.61
N GLY A 305 -22.22 25.29 -9.79
CA GLY A 305 -23.30 25.13 -8.84
C GLY A 305 -23.47 23.66 -8.56
N VAL A 306 -24.51 23.31 -7.80
CA VAL A 306 -24.76 21.91 -7.48
C VAL A 306 -25.30 21.24 -8.74
N ASN A 307 -24.40 20.85 -9.63
CA ASN A 307 -24.75 20.20 -10.89
C ASN A 307 -23.65 19.22 -11.32
N ASN A 308 -23.94 18.39 -12.32
CA ASN A 308 -22.98 17.39 -12.76
C ASN A 308 -21.63 17.87 -13.28
N PRO A 309 -21.62 18.81 -14.24
CA PRO A 309 -20.31 19.26 -14.72
C PRO A 309 -19.41 19.87 -13.63
N THR A 310 -20.01 20.46 -12.61
CA THR A 310 -19.23 21.06 -11.52
C THR A 310 -18.56 19.97 -10.67
N TYR A 311 -19.29 18.92 -10.32
CA TYR A 311 -18.70 17.85 -9.52
C TYR A 311 -17.71 17.03 -10.32
N LYS A 312 -17.87 17.02 -11.64
CA LYS A 312 -16.94 16.30 -12.50
C LYS A 312 -15.58 17.01 -12.41
N ALA A 313 -15.62 18.34 -12.39
CA ALA A 313 -14.40 19.14 -12.29
C ALA A 313 -13.68 18.90 -10.96
N TYR A 314 -14.44 18.79 -9.87
CA TYR A 314 -13.85 18.53 -8.56
C TYR A 314 -13.26 17.12 -8.55
N ILE A 315 -13.96 16.19 -9.18
CA ILE A 315 -13.51 14.80 -9.26
C ILE A 315 -12.23 14.72 -10.09
N ASP A 316 -12.18 15.46 -11.19
CA ASP A 316 -11.01 15.47 -12.07
C ASP A 316 -9.81 16.11 -11.36
N PHE A 317 -10.07 17.19 -10.62
CA PHE A 317 -8.99 17.86 -9.88
C PHE A 317 -8.45 16.89 -8.83
N ALA A 318 -9.37 16.25 -8.09
CA ALA A 318 -8.99 15.32 -7.05
C ALA A 318 -8.18 14.15 -7.62
N SER A 319 -8.70 13.55 -8.68
CA SER A 319 -8.03 12.43 -9.32
C SER A 319 -6.67 12.81 -9.85
N ALA A 320 -6.59 13.98 -10.48
CA ALA A 320 -5.33 14.44 -11.05
C ALA A 320 -4.21 14.50 -10.02
N ASN A 321 -4.56 14.75 -8.76
CA ASN A 321 -3.57 14.87 -7.69
C ASN A 321 -3.62 13.75 -6.67
N GLY A 322 -4.28 12.66 -7.03
CA GLY A 322 -4.36 11.52 -6.11
C GLY A 322 -5.17 11.76 -4.85
N ILE A 323 -5.96 12.81 -4.83
CA ILE A 323 -6.80 13.11 -3.67
C ILE A 323 -7.91 12.05 -3.64
N GLU A 324 -8.16 11.49 -2.46
CA GLU A 324 -9.11 10.39 -2.30
C GLU A 324 -10.62 10.61 -2.40
N TYR A 325 -11.12 11.74 -1.95
CA TYR A 325 -12.56 11.94 -1.96
C TYR A 325 -13.09 13.27 -2.50
N VAL A 326 -14.40 13.27 -2.73
CA VAL A 326 -15.15 14.43 -3.16
C VAL A 326 -16.46 14.30 -2.40
N ILE A 327 -16.80 15.35 -1.66
CA ILE A 327 -18.03 15.39 -0.89
C ILE A 327 -19.10 16.14 -1.66
N LEU A 328 -20.34 15.66 -1.58
CA LEU A 328 -21.46 16.37 -2.19
C LEU A 328 -22.09 16.98 -0.94
N ASP A 329 -21.71 18.21 -0.61
CA ASP A 329 -22.23 18.85 0.58
C ASP A 329 -23.71 19.20 0.46
N GLU A 330 -24.24 19.97 1.41
CA GLU A 330 -25.67 20.31 1.35
C GLU A 330 -26.07 20.92 0.03
N GLY A 331 -27.09 20.34 -0.59
CA GLY A 331 -27.58 20.84 -1.86
C GLY A 331 -28.01 19.78 -2.87
N TRP A 332 -27.49 18.56 -2.74
CA TRP A 332 -27.84 17.51 -3.68
C TRP A 332 -29.25 16.92 -3.47
N ALA A 333 -29.75 17.01 -2.24
CA ALA A 333 -31.09 16.49 -1.94
C ALA A 333 -32.09 17.64 -1.95
N VAL A 334 -33.27 17.40 -2.51
CA VAL A 334 -34.31 18.44 -2.58
C VAL A 334 -34.51 19.10 -1.22
N ASN A 335 -34.35 20.42 -1.20
CA ASN A 335 -34.47 21.18 0.04
C ASN A 335 -35.82 21.13 0.73
N LEU A 336 -35.77 21.17 2.07
CA LEU A 336 -36.96 21.15 2.92
C LEU A 336 -37.69 19.80 3.01
N GLN A 337 -37.36 18.86 2.12
CA GLN A 337 -38.01 17.55 2.12
C GLN A 337 -37.44 16.61 3.19
N ALA A 338 -36.19 16.84 3.60
CA ALA A 338 -35.55 16.01 4.61
C ALA A 338 -35.64 14.54 4.18
N ASP A 339 -35.50 14.31 2.88
CA ASP A 339 -35.57 12.98 2.30
C ASP A 339 -34.31 12.72 1.49
N LEU A 340 -33.46 11.81 1.96
CA LEU A 340 -32.22 11.48 1.26
C LEU A 340 -32.41 10.75 -0.05
N MET A 341 -33.64 10.36 -0.36
CA MET A 341 -33.91 9.64 -1.60
C MET A 341 -34.33 10.56 -2.75
N GLN A 342 -34.61 11.82 -2.42
CA GLN A 342 -35.02 12.80 -3.42
C GLN A 342 -33.84 13.66 -3.87
N VAL A 343 -33.16 13.27 -4.95
CA VAL A 343 -32.03 14.04 -5.44
C VAL A 343 -32.53 15.14 -6.38
N VAL A 344 -31.83 16.26 -6.41
CA VAL A 344 -32.22 17.38 -7.27
C VAL A 344 -32.07 17.02 -8.74
N LYS A 345 -32.82 17.71 -9.59
CA LYS A 345 -32.81 17.48 -11.04
C LYS A 345 -31.42 17.54 -11.66
N GLU A 346 -30.63 18.51 -11.22
CA GLU A 346 -29.29 18.73 -11.74
C GLU A 346 -28.25 17.67 -11.36
N ILE A 347 -28.59 16.80 -10.43
CA ILE A 347 -27.64 15.77 -9.99
C ILE A 347 -28.01 14.33 -10.33
N ASP A 348 -27.03 13.59 -10.84
CA ASP A 348 -27.20 12.19 -11.19
C ASP A 348 -26.18 11.41 -10.35
N LEU A 349 -26.53 11.12 -9.11
CA LEU A 349 -25.67 10.41 -8.19
C LEU A 349 -24.96 9.20 -8.80
N LYS A 350 -25.74 8.30 -9.37
CA LYS A 350 -25.21 7.09 -9.98
C LYS A 350 -24.09 7.40 -10.98
N GLU A 351 -24.31 8.37 -11.85
CA GLU A 351 -23.32 8.76 -12.85
C GLU A 351 -22.05 9.31 -12.18
N LEU A 352 -22.24 10.15 -11.17
CA LEU A 352 -21.10 10.75 -10.47
C LEU A 352 -20.28 9.71 -9.71
N VAL A 353 -20.95 8.84 -8.97
CA VAL A 353 -20.25 7.80 -8.21
C VAL A 353 -19.44 6.90 -9.14
N ASP A 354 -20.03 6.50 -10.26
CA ASP A 354 -19.33 5.62 -11.19
C ASP A 354 -18.22 6.36 -11.92
N TYR A 355 -18.44 7.64 -12.24
CA TYR A 355 -17.41 8.41 -12.91
C TYR A 355 -16.23 8.54 -11.95
N ALA A 356 -16.53 8.91 -10.71
CA ALA A 356 -15.52 9.05 -9.67
C ALA A 356 -14.74 7.76 -9.49
N ALA A 357 -15.44 6.63 -9.47
CA ALA A 357 -14.81 5.33 -9.31
C ALA A 357 -13.77 5.06 -10.39
N SER A 358 -14.12 5.38 -11.64
CA SER A 358 -13.18 5.15 -12.75
C SER A 358 -11.99 6.10 -12.66
N LYS A 359 -12.07 7.10 -11.79
CA LYS A 359 -10.99 8.06 -11.60
C LYS A 359 -10.28 7.85 -10.27
N ASN A 360 -10.63 6.76 -9.60
CA ASN A 360 -10.06 6.41 -8.30
C ASN A 360 -10.45 7.43 -7.24
N VAL A 361 -11.68 7.92 -7.32
CA VAL A 361 -12.18 8.89 -6.37
C VAL A 361 -13.44 8.35 -5.69
N GLY A 362 -13.47 8.47 -4.37
CA GLY A 362 -14.64 8.02 -3.62
C GLY A 362 -15.60 9.16 -3.40
N ILE A 363 -16.88 8.84 -3.25
CA ILE A 363 -17.90 9.85 -3.02
C ILE A 363 -18.45 9.79 -1.61
N ILE A 364 -18.60 10.96 -1.00
CA ILE A 364 -19.14 11.08 0.35
C ILE A 364 -20.36 11.99 0.27
N LEU A 365 -21.43 11.60 0.95
CA LEU A 365 -22.66 12.40 0.93
C LEU A 365 -22.96 13.11 2.24
N TRP A 366 -23.32 14.38 2.14
CA TRP A 366 -23.67 15.19 3.30
C TRP A 366 -25.15 14.93 3.56
N ALA A 367 -25.54 14.87 4.83
CA ALA A 367 -26.93 14.63 5.18
C ALA A 367 -27.29 15.31 6.49
N GLY A 368 -28.43 15.99 6.50
CA GLY A 368 -28.89 16.65 7.71
C GLY A 368 -29.33 15.58 8.68
N TYR A 369 -29.20 15.85 9.97
CA TYR A 369 -29.57 14.88 11.01
C TYR A 369 -30.85 14.08 10.79
N HIS A 370 -31.99 14.75 10.86
CA HIS A 370 -33.28 14.08 10.72
C HIS A 370 -33.43 13.22 9.48
N ALA A 371 -33.05 13.74 8.31
CA ALA A 371 -33.17 12.99 7.08
C ALA A 371 -32.33 11.71 7.09
N PHE A 372 -31.30 11.68 7.91
CA PHE A 372 -30.43 10.52 7.98
C PHE A 372 -30.93 9.45 8.96
N GLU A 373 -31.21 9.86 10.20
CA GLU A 373 -31.64 8.89 11.20
C GLU A 373 -33.10 8.45 11.11
N ARG A 374 -33.91 9.13 10.29
CA ARG A 374 -35.31 8.77 10.16
C ARG A 374 -35.48 7.48 9.36
N ASP A 375 -34.47 7.12 8.58
CA ASP A 375 -34.51 5.92 7.76
C ASP A 375 -33.07 5.44 7.56
N MET A 376 -32.29 5.53 8.64
CA MET A 376 -30.88 5.18 8.66
C MET A 376 -30.47 3.88 7.98
N GLU A 377 -31.02 2.76 8.43
CA GLU A 377 -30.68 1.45 7.87
C GLU A 377 -30.83 1.41 6.34
N ASN A 378 -31.98 1.86 5.84
CA ASN A 378 -32.24 1.87 4.41
C ASN A 378 -31.29 2.80 3.66
N VAL A 379 -31.07 3.99 4.20
CA VAL A 379 -30.18 4.96 3.57
C VAL A 379 -28.76 4.41 3.43
N CYS A 380 -28.22 3.83 4.50
CA CYS A 380 -26.87 3.28 4.46
C CYS A 380 -26.75 2.13 3.48
N ARG A 381 -27.74 1.25 3.46
CA ARG A 381 -27.73 0.10 2.55
C ARG A 381 -27.85 0.54 1.10
N HIS A 382 -28.83 1.41 0.84
CA HIS A 382 -29.06 1.90 -0.51
C HIS A 382 -27.83 2.55 -1.14
N TYR A 383 -27.25 3.54 -0.46
CA TYR A 383 -26.09 4.23 -1.00
C TYR A 383 -24.81 3.42 -0.97
N ALA A 384 -24.69 2.51 -0.02
CA ALA A 384 -23.50 1.68 0.05
C ALA A 384 -23.49 0.80 -1.19
N GLU A 385 -24.64 0.25 -1.54
CA GLU A 385 -24.72 -0.63 -2.69
C GLU A 385 -24.56 0.08 -4.03
N MET A 386 -24.77 1.39 -4.08
CA MET A 386 -24.61 2.09 -5.35
C MET A 386 -23.16 2.58 -5.47
N GLY A 387 -22.38 2.38 -4.41
CA GLY A 387 -20.98 2.78 -4.45
C GLY A 387 -20.51 3.88 -3.51
N VAL A 388 -21.43 4.56 -2.85
CA VAL A 388 -21.05 5.63 -1.93
C VAL A 388 -20.14 5.10 -0.83
N LYS A 389 -19.12 5.88 -0.47
CA LYS A 389 -18.16 5.48 0.53
C LYS A 389 -18.46 5.92 1.97
N GLY A 390 -19.29 6.94 2.13
CA GLY A 390 -19.60 7.41 3.47
C GLY A 390 -20.50 8.61 3.56
N PHE A 391 -20.78 9.05 4.78
CA PHE A 391 -21.65 10.20 5.02
C PHE A 391 -21.06 11.25 5.95
N LYS A 392 -21.51 12.47 5.74
CA LYS A 392 -21.13 13.60 6.57
C LYS A 392 -22.48 14.04 7.13
N VAL A 393 -22.76 13.63 8.37
CA VAL A 393 -24.04 13.96 9.01
C VAL A 393 -23.88 15.23 9.83
N ASP A 394 -24.72 16.21 9.53
CA ASP A 394 -24.65 17.52 10.13
C ASP A 394 -25.92 17.99 10.86
N PHE A 395 -25.76 19.03 11.66
CA PHE A 395 -26.82 19.70 12.42
C PHE A 395 -27.53 19.00 13.57
N MET A 396 -26.84 18.13 14.28
CA MET A 396 -27.46 17.47 15.42
C MET A 396 -27.71 18.56 16.46
N ASP A 397 -26.70 19.38 16.73
CA ASP A 397 -26.80 20.50 17.68
C ASP A 397 -27.35 20.15 19.06
N ARG A 398 -27.18 18.90 19.47
CA ARG A 398 -27.65 18.44 20.77
C ARG A 398 -26.67 17.43 21.35
N ASP A 399 -26.63 17.33 22.68
CA ASP A 399 -25.77 16.35 23.31
C ASP A 399 -26.46 15.71 24.51
N ASP A 400 -27.78 15.56 24.40
CA ASP A 400 -28.58 14.93 25.44
C ASP A 400 -28.41 13.43 25.16
N GLN A 401 -28.77 12.59 26.13
CA GLN A 401 -28.61 11.14 25.96
C GLN A 401 -29.07 10.56 24.63
N GLU A 402 -30.23 10.99 24.14
CA GLU A 402 -30.73 10.45 22.87
C GLU A 402 -29.82 10.75 21.68
N MET A 403 -29.20 11.93 21.66
CA MET A 403 -28.34 12.30 20.55
C MET A 403 -26.98 11.61 20.64
N THR A 404 -26.43 11.53 21.85
CA THR A 404 -25.14 10.87 22.01
C THR A 404 -25.31 9.40 21.67
N ALA A 405 -26.52 8.88 21.87
CA ALA A 405 -26.80 7.49 21.55
C ALA A 405 -26.81 7.38 20.03
N PHE A 406 -27.33 8.42 19.38
CA PHE A 406 -27.40 8.46 17.93
C PHE A 406 -25.99 8.37 17.30
N ASN A 407 -25.05 9.12 17.85
CA ASN A 407 -23.68 9.13 17.32
C ASN A 407 -23.14 7.71 17.19
N TYR A 408 -23.34 6.91 18.22
CA TYR A 408 -22.87 5.53 18.22
C TYR A 408 -23.71 4.61 17.33
N ARG A 409 -25.02 4.85 17.26
CA ARG A 409 -25.87 4.01 16.42
C ARG A 409 -25.55 4.27 14.95
N ALA A 410 -25.29 5.53 14.60
CA ALA A 410 -24.95 5.88 13.23
C ALA A 410 -23.58 5.30 12.91
N ALA A 411 -22.66 5.43 13.86
CA ALA A 411 -21.32 4.90 13.69
C ALA A 411 -21.38 3.41 13.37
N GLU A 412 -22.18 2.68 14.15
CA GLU A 412 -22.34 1.24 13.96
C GLU A 412 -23.06 0.90 12.65
N MET A 413 -24.13 1.63 12.35
CA MET A 413 -24.88 1.40 11.12
C MET A 413 -24.00 1.61 9.90
N CYS A 414 -23.15 2.63 9.94
CA CYS A 414 -22.25 2.90 8.83
C CYS A 414 -21.21 1.80 8.73
N ALA A 415 -20.72 1.35 9.88
CA ALA A 415 -19.72 0.29 9.91
C ALA A 415 -20.30 -0.98 9.28
N LYS A 416 -21.57 -1.25 9.57
CA LYS A 416 -22.25 -2.43 9.03
C LYS A 416 -22.18 -2.48 7.51
N TYR A 417 -22.38 -1.34 6.86
CA TYR A 417 -22.34 -1.29 5.41
C TYR A 417 -21.02 -0.81 4.82
N LYS A 418 -19.99 -0.80 5.64
CA LYS A 418 -18.65 -0.38 5.22
C LYS A 418 -18.64 1.06 4.70
N LEU A 419 -19.11 1.97 5.54
CA LEU A 419 -19.15 3.39 5.21
C LEU A 419 -18.41 4.16 6.29
N ILE A 420 -17.67 5.19 5.90
CA ILE A 420 -16.98 5.99 6.91
C ILE A 420 -17.96 7.08 7.29
N LEU A 421 -17.71 7.70 8.45
CA LEU A 421 -18.59 8.73 8.95
C LEU A 421 -17.83 9.97 9.42
N ASP A 422 -18.41 11.14 9.16
CA ASP A 422 -17.84 12.42 9.56
C ASP A 422 -19.00 13.16 10.19
N LEU A 423 -18.87 13.49 11.47
CA LEU A 423 -19.94 14.18 12.19
C LEU A 423 -19.71 15.69 12.35
N HIS A 424 -20.70 16.46 11.92
CA HIS A 424 -20.65 17.91 12.03
C HIS A 424 -21.84 18.41 12.84
N GLY A 425 -21.75 19.63 13.35
CA GLY A 425 -22.84 20.15 14.15
C GLY A 425 -22.93 19.24 15.36
N THR A 426 -21.77 18.86 15.89
CA THR A 426 -21.69 17.97 17.05
C THR A 426 -20.71 18.50 18.08
N HIS A 427 -20.51 17.72 19.13
CA HIS A 427 -19.62 18.06 20.23
C HIS A 427 -18.28 17.31 20.13
N LYS A 428 -17.40 17.53 21.10
CA LYS A 428 -16.09 16.87 21.09
C LYS A 428 -16.25 15.34 20.94
N PRO A 429 -15.31 14.69 20.22
CA PRO A 429 -15.29 13.25 19.97
C PRO A 429 -15.50 12.39 21.19
N ALA A 430 -14.76 12.69 22.26
CA ALA A 430 -14.87 11.96 23.51
C ALA A 430 -14.68 10.45 23.39
N GLY A 431 -13.76 10.02 22.52
CA GLY A 431 -13.48 8.61 22.38
C GLY A 431 -14.19 7.80 21.31
N LEU A 432 -15.24 8.33 20.72
CA LEU A 432 -15.98 7.60 19.69
C LEU A 432 -15.12 7.03 18.56
N ASN A 433 -14.06 7.73 18.17
CA ASN A 433 -13.20 7.25 17.09
C ASN A 433 -12.40 5.99 17.44
N ARG A 434 -12.33 5.66 18.73
CA ARG A 434 -11.62 4.45 19.12
C ARG A 434 -12.61 3.29 19.05
N THR A 435 -13.80 3.52 19.57
CA THR A 435 -14.86 2.51 19.59
C THR A 435 -15.27 2.12 18.18
N TYR A 436 -15.42 3.11 17.31
CA TYR A 436 -15.78 2.88 15.91
C TYR A 436 -14.79 3.63 15.02
N PRO A 437 -13.67 2.99 14.68
CA PRO A 437 -12.63 3.58 13.84
C PRO A 437 -13.09 4.12 12.48
N ASN A 438 -14.31 3.82 12.08
CA ASN A 438 -14.80 4.30 10.80
C ASN A 438 -15.30 5.74 10.87
N VAL A 439 -15.43 6.30 12.07
CA VAL A 439 -15.83 7.69 12.21
C VAL A 439 -14.50 8.44 12.17
N LEU A 440 -14.09 8.81 10.97
CA LEU A 440 -12.82 9.48 10.73
C LEU A 440 -12.68 10.94 11.17
N ASN A 441 -13.78 11.63 11.46
CA ASN A 441 -13.66 13.00 11.93
C ASN A 441 -14.91 13.55 12.62
N PHE A 442 -14.69 14.62 13.38
CA PHE A 442 -15.74 15.27 14.16
C PHE A 442 -15.57 16.77 14.08
N GLU A 443 -16.67 17.51 14.09
CA GLU A 443 -16.55 18.95 14.03
C GLU A 443 -16.46 19.48 15.46
N GLY A 444 -17.45 20.24 15.91
CA GLY A 444 -17.39 20.77 17.26
C GLY A 444 -16.14 21.60 17.41
N VAL A 445 -15.89 22.44 16.40
CA VAL A 445 -14.73 23.31 16.36
C VAL A 445 -15.09 24.54 15.53
N ASN A 446 -14.60 25.70 15.93
CA ASN A 446 -14.90 26.93 15.19
C ASN A 446 -13.94 27.01 13.99
N GLY A 447 -14.20 26.15 13.01
CA GLY A 447 -13.37 26.04 11.82
C GLY A 447 -13.34 27.17 10.81
N LEU A 448 -12.61 26.94 9.72
CA LEU A 448 -12.43 27.94 8.68
C LEU A 448 -13.71 28.37 7.99
N GLU A 449 -14.78 27.60 8.17
CA GLU A 449 -16.06 27.96 7.56
C GLU A 449 -16.51 29.29 8.14
N GLN A 450 -16.03 29.60 9.36
CA GLN A 450 -16.37 30.84 10.04
C GLN A 450 -15.86 32.06 9.27
N MET A 451 -14.82 31.86 8.46
CA MET A 451 -14.26 32.96 7.68
C MET A 451 -15.22 33.41 6.56
N LYS A 452 -16.28 32.64 6.36
CA LYS A 452 -17.26 32.99 5.32
C LYS A 452 -18.24 34.07 5.78
N TRP A 453 -18.29 34.34 7.09
CA TRP A 453 -19.22 35.34 7.62
C TRP A 453 -18.79 36.10 8.86
N SER A 454 -17.75 35.63 9.56
CA SER A 454 -17.30 36.29 10.78
C SER A 454 -16.77 37.69 10.59
N SER A 455 -16.96 38.54 11.59
CA SER A 455 -16.46 39.90 11.51
C SER A 455 -14.98 39.80 11.84
N PRO A 456 -14.20 40.83 11.50
CA PRO A 456 -12.76 40.82 11.78
C PRO A 456 -12.39 40.63 13.25
N SER A 457 -13.33 40.85 14.16
CA SER A 457 -13.05 40.69 15.57
C SER A 457 -12.85 39.22 15.95
N VAL A 458 -13.21 38.31 15.06
CA VAL A 458 -13.01 36.88 15.33
C VAL A 458 -11.56 36.60 14.99
N ASP A 459 -10.77 36.27 16.01
CA ASP A 459 -9.35 36.02 15.83
C ASP A 459 -9.06 34.55 15.55
N GLN A 460 -9.13 34.18 14.27
CA GLN A 460 -8.89 32.81 13.85
C GLN A 460 -7.45 32.39 14.13
N VAL A 461 -6.49 33.29 13.91
CA VAL A 461 -5.09 32.98 14.15
C VAL A 461 -4.87 32.54 15.60
N LYS A 462 -5.48 33.28 16.53
CA LYS A 462 -5.36 32.98 17.95
C LYS A 462 -6.03 31.63 18.25
N TYR A 463 -7.17 31.40 17.61
CA TYR A 463 -7.91 30.17 17.82
C TYR A 463 -7.06 28.96 17.40
N ASP A 464 -6.34 29.09 16.29
CA ASP A 464 -5.50 28.01 15.80
C ASP A 464 -4.45 27.55 16.81
N VAL A 465 -3.90 28.48 17.58
CA VAL A 465 -2.90 28.09 18.57
C VAL A 465 -3.51 27.72 19.93
N MET A 466 -4.84 27.76 20.00
CA MET A 466 -5.53 27.39 21.24
C MET A 466 -6.00 25.94 21.15
N ILE A 467 -6.74 25.62 20.09
CA ILE A 467 -7.27 24.26 19.94
C ILE A 467 -6.30 23.08 20.00
N PRO A 468 -5.02 23.27 19.60
CA PRO A 468 -4.15 22.09 19.70
C PRO A 468 -3.98 21.66 21.16
N PHE A 469 -4.19 22.60 22.07
CA PHE A 469 -4.05 22.34 23.50
C PHE A 469 -5.39 22.16 24.19
N ILE A 470 -6.49 22.30 23.45
CA ILE A 470 -7.80 22.18 24.08
C ILE A 470 -8.75 21.27 23.32
N ARG A 471 -9.51 21.81 22.37
CA ARG A 471 -10.44 20.98 21.61
C ARG A 471 -9.82 19.70 21.03
N GLN A 472 -8.61 19.78 20.49
CA GLN A 472 -7.98 18.60 19.90
C GLN A 472 -7.59 17.55 20.94
N VAL A 473 -7.58 17.94 22.20
CA VAL A 473 -7.23 17.00 23.26
C VAL A 473 -8.29 15.90 23.28
N SER A 474 -9.51 16.25 22.91
CA SER A 474 -10.60 15.28 22.89
C SER A 474 -10.55 14.31 21.71
N GLY A 475 -9.96 14.75 20.61
CA GLY A 475 -9.88 13.90 19.44
C GLY A 475 -9.76 14.70 18.14
N PRO A 476 -9.76 14.01 16.99
CA PRO A 476 -9.65 14.63 15.66
C PRO A 476 -10.65 15.77 15.41
N MET A 477 -10.23 16.74 14.59
CA MET A 477 -11.08 17.88 14.24
C MET A 477 -11.25 18.01 12.73
N ASP A 478 -12.46 18.33 12.28
CA ASP A 478 -12.66 18.56 10.86
C ASP A 478 -12.71 20.09 10.76
N TYR A 479 -11.55 20.70 10.88
CA TYR A 479 -11.41 22.16 10.84
C TYR A 479 -11.59 22.75 9.44
N THR A 480 -11.26 21.95 8.43
CA THR A 480 -11.36 22.31 7.02
C THR A 480 -10.48 23.50 6.61
N GLN A 481 -9.16 23.28 6.61
CA GLN A 481 -8.23 24.34 6.23
C GLN A 481 -7.81 24.19 4.76
N GLY A 482 -6.76 24.92 4.38
CA GLY A 482 -6.27 24.84 3.02
C GLY A 482 -6.52 26.05 2.13
N ALA A 483 -6.80 27.20 2.75
CA ALA A 483 -7.07 28.41 1.96
C ALA A 483 -5.84 28.94 1.22
N MET A 484 -6.03 29.34 -0.04
CA MET A 484 -4.93 29.88 -0.83
C MET A 484 -4.93 31.40 -0.75
N ARG A 485 -6.08 31.97 -0.39
CA ARG A 485 -6.21 33.42 -0.22
C ARG A 485 -5.86 33.61 1.27
N ASN A 486 -4.80 34.35 1.54
CA ASN A 486 -4.33 34.53 2.92
C ASN A 486 -4.21 35.98 3.36
N ALA A 487 -4.96 36.35 4.41
CA ALA A 487 -4.94 37.73 4.88
C ALA A 487 -4.06 38.04 6.10
N SER A 488 -3.07 38.90 5.89
CA SER A 488 -2.19 39.29 6.98
C SER A 488 -3.03 40.16 7.92
N LYS A 489 -2.47 40.53 9.06
CA LYS A 489 -3.21 41.32 10.05
C LYS A 489 -3.91 42.56 9.50
N GLY A 490 -5.22 42.62 9.70
CA GLY A 490 -5.99 43.76 9.25
C GLY A 490 -6.52 43.67 7.82
N ASN A 491 -6.15 42.63 7.08
CA ASN A 491 -6.62 42.51 5.70
C ASN A 491 -7.78 41.55 5.55
N TYR A 492 -8.16 40.88 6.63
CA TYR A 492 -9.26 39.93 6.60
C TYR A 492 -10.62 40.59 6.55
N TYR A 493 -11.54 39.95 5.82
CA TYR A 493 -12.91 40.41 5.72
C TYR A 493 -13.75 39.22 5.31
N PRO A 494 -14.91 39.04 5.95
CA PRO A 494 -15.77 37.91 5.60
C PRO A 494 -16.25 37.96 4.15
N CYS A 495 -15.97 36.90 3.41
CA CYS A 495 -16.39 36.84 2.01
C CYS A 495 -16.94 35.44 1.81
N TYR A 496 -18.26 35.34 1.68
CA TYR A 496 -18.94 34.07 1.53
C TYR A 496 -18.54 33.22 0.31
N SER A 497 -18.52 33.83 -0.88
CA SER A 497 -18.19 33.09 -2.09
C SER A 497 -16.70 33.07 -2.45
N GLU A 498 -15.90 33.93 -1.83
CA GLU A 498 -14.46 33.97 -2.08
C GLU A 498 -13.72 34.17 -0.76
N PRO A 499 -13.90 33.24 0.19
CA PRO A 499 -13.30 33.28 1.52
C PRO A 499 -11.77 33.22 1.56
N MET A 500 -11.22 33.68 2.67
CA MET A 500 -9.79 33.69 2.89
C MET A 500 -9.55 33.25 4.33
N SER A 501 -8.29 32.98 4.66
CA SER A 501 -7.93 32.60 6.01
C SER A 501 -7.18 33.80 6.60
N GLN A 502 -6.97 33.80 7.90
CA GLN A 502 -6.23 34.86 8.56
C GLN A 502 -4.79 34.34 8.72
N GLY A 503 -3.80 35.20 8.53
CA GLY A 503 -2.44 34.73 8.65
C GLY A 503 -1.81 34.40 7.31
N THR A 504 -0.81 33.53 7.31
CA THR A 504 -0.10 33.21 6.08
C THR A 504 -0.38 31.88 5.38
N ARG A 505 0.18 31.76 4.18
CA ARG A 505 0.06 30.56 3.38
C ARG A 505 0.63 29.36 4.12
N CYS A 506 1.82 29.53 4.68
CA CYS A 506 2.46 28.43 5.40
C CYS A 506 1.71 28.03 6.65
N ARG A 507 0.89 28.93 7.19
CA ARG A 507 0.10 28.59 8.36
C ARG A 507 -0.86 27.48 7.91
N GLN A 508 -1.53 27.73 6.79
CA GLN A 508 -2.46 26.76 6.24
C GLN A 508 -1.79 25.42 6.00
N LEU A 509 -0.58 25.44 5.44
CA LEU A 509 0.17 24.22 5.16
C LEU A 509 0.54 23.51 6.45
N ALA A 510 0.99 24.27 7.45
CA ALA A 510 1.40 23.70 8.72
C ALA A 510 0.26 22.96 9.43
N LEU A 511 -0.96 23.47 9.27
CA LEU A 511 -2.12 22.86 9.91
C LEU A 511 -2.33 21.40 9.55
N TYR A 512 -1.87 20.99 8.37
CA TYR A 512 -2.03 19.60 7.97
C TYR A 512 -1.16 18.70 8.82
N VAL A 513 -0.22 19.29 9.56
CA VAL A 513 0.65 18.55 10.45
C VAL A 513 0.19 18.83 11.90
N VAL A 514 -0.06 20.10 12.21
CA VAL A 514 -0.47 20.50 13.54
C VAL A 514 -1.86 19.97 13.95
N PHE A 515 -2.81 20.01 13.02
CA PHE A 515 -4.15 19.51 13.30
C PHE A 515 -4.24 18.05 12.89
N GLU A 516 -5.00 17.26 13.65
CA GLU A 516 -5.18 15.84 13.36
C GLU A 516 -6.54 15.66 12.69
N SER A 517 -6.53 15.20 11.44
CA SER A 517 -7.76 15.02 10.68
C SER A 517 -7.67 13.83 9.73
N PRO A 518 -8.05 12.62 10.17
CA PRO A 518 -8.00 11.42 9.34
C PRO A 518 -8.74 11.62 8.01
N PHE A 519 -9.84 12.37 8.07
CA PHE A 519 -10.65 12.72 6.89
C PHE A 519 -10.41 14.24 6.84
N ASN A 520 -9.53 14.67 5.93
CA ASN A 520 -9.10 16.06 5.80
C ASN A 520 -9.53 16.83 4.54
N MET A 521 -9.93 18.08 4.71
CA MET A 521 -10.38 18.90 3.60
C MET A 521 -9.29 19.73 2.90
N LEU A 522 -9.54 19.99 1.62
CA LEU A 522 -8.75 20.91 0.83
C LEU A 522 -9.94 21.84 0.59
N CYS A 523 -10.06 22.87 1.41
CA CYS A 523 -11.19 23.78 1.37
C CYS A 523 -11.37 24.68 0.15
N ASP A 524 -10.27 25.07 -0.49
CA ASP A 524 -10.35 25.97 -1.62
C ASP A 524 -10.78 25.35 -2.94
N THR A 525 -11.02 26.20 -3.94
CA THR A 525 -11.42 25.76 -5.27
C THR A 525 -10.26 25.11 -6.00
N PRO A 526 -10.57 24.15 -6.89
CA PRO A 526 -9.50 23.49 -7.64
C PRO A 526 -8.78 24.58 -8.45
N SER A 527 -9.53 25.59 -8.86
CA SER A 527 -8.99 26.70 -9.64
C SER A 527 -7.85 27.36 -8.88
N ASN A 528 -8.07 27.66 -7.60
CA ASN A 528 -7.02 28.28 -6.80
C ASN A 528 -5.85 27.32 -6.61
N TYR A 529 -6.15 26.04 -6.37
CA TYR A 529 -5.10 25.06 -6.18
C TYR A 529 -4.23 24.92 -7.42
N MET A 530 -4.84 24.94 -8.59
CA MET A 530 -4.09 24.82 -9.82
C MET A 530 -3.21 26.05 -10.08
N ARG A 531 -3.52 27.17 -9.42
CA ARG A 531 -2.71 28.37 -9.56
C ARG A 531 -1.55 28.30 -8.57
N GLU A 532 -1.58 27.30 -7.69
CA GLU A 532 -0.55 27.12 -6.65
C GLU A 532 0.02 25.70 -6.68
N PRO A 533 0.76 25.35 -7.74
CA PRO A 533 1.36 24.01 -7.88
C PRO A 533 2.13 23.52 -6.64
N GLU A 534 3.08 24.31 -6.16
CA GLU A 534 3.88 23.91 -5.00
C GLU A 534 3.06 23.63 -3.74
N SER A 535 2.17 24.55 -3.37
CA SER A 535 1.35 24.35 -2.17
C SER A 535 0.49 23.10 -2.29
N THR A 536 -0.18 22.97 -3.44
CA THR A 536 -1.06 21.84 -3.71
C THR A 536 -0.32 20.50 -3.63
N ALA A 537 0.88 20.44 -4.21
CA ALA A 537 1.65 19.19 -4.18
C ALA A 537 1.99 18.78 -2.75
N PHE A 538 2.28 19.76 -1.89
CA PHE A 538 2.61 19.45 -0.50
C PHE A 538 1.38 18.93 0.25
N ILE A 539 0.25 19.59 0.05
CA ILE A 539 -0.98 19.20 0.72
C ILE A 539 -1.48 17.84 0.23
N ALA A 540 -1.40 17.61 -1.07
CA ALA A 540 -1.87 16.35 -1.64
C ALA A 540 -1.07 15.17 -1.16
N GLU A 541 0.24 15.34 -1.00
CA GLU A 541 1.09 14.23 -0.56
C GLU A 541 1.11 13.92 0.93
N ILE A 542 0.84 14.91 1.78
CA ILE A 542 0.90 14.68 3.22
C ILE A 542 -0.15 13.72 3.81
N PRO A 543 0.30 12.76 4.62
CA PRO A 543 -0.60 11.78 5.25
C PRO A 543 -1.61 12.45 6.18
N THR A 544 -2.71 11.76 6.44
CA THR A 544 -3.72 12.28 7.35
C THR A 544 -3.74 11.39 8.59
N VAL A 545 -3.02 10.28 8.51
CA VAL A 545 -2.91 9.31 9.59
C VAL A 545 -1.43 8.98 9.81
N TRP A 546 -1.03 8.81 11.07
CA TRP A 546 0.37 8.59 11.38
C TRP A 546 0.78 7.38 12.22
N ASP A 547 2.06 7.06 12.17
CA ASP A 547 2.64 5.94 12.91
C ASP A 547 3.25 6.41 14.22
N GLU A 548 3.68 7.68 14.25
CA GLU A 548 4.30 8.26 15.44
C GLU A 548 4.15 9.78 15.43
N SER A 549 3.91 10.37 16.60
CA SER A 549 3.76 11.82 16.72
C SER A 549 4.51 12.34 17.94
N ILE A 550 5.18 13.47 17.77
CA ILE A 550 5.94 14.10 18.84
C ILE A 550 5.72 15.61 18.83
N VAL A 551 5.11 16.15 19.88
CA VAL A 551 4.93 17.59 19.95
C VAL A 551 6.28 18.11 20.47
N LEU A 552 7.07 18.70 19.57
CA LEU A 552 8.40 19.19 19.95
C LEU A 552 8.41 20.31 20.97
N ASP A 553 7.44 21.22 20.89
CA ASP A 553 7.41 22.34 21.82
C ASP A 553 6.14 23.16 21.64
N GLY A 554 5.87 24.06 22.59
CA GLY A 554 4.69 24.88 22.48
C GLY A 554 4.21 25.56 23.74
N LYS A 555 3.42 26.61 23.56
CA LYS A 555 2.83 27.36 24.65
C LYS A 555 1.40 27.67 24.22
N MET A 556 0.44 27.32 25.07
CA MET A 556 -0.97 27.53 24.76
C MET A 556 -1.29 28.95 24.32
N GLY A 557 -1.95 29.05 23.18
CA GLY A 557 -2.34 30.36 22.65
C GLY A 557 -1.20 31.17 22.08
N GLU A 558 -0.02 30.57 21.98
CA GLU A 558 1.14 31.29 21.46
C GLU A 558 1.83 30.62 20.29
N TYR A 559 2.10 29.32 20.40
CA TYR A 559 2.75 28.60 19.31
C TYR A 559 2.86 27.11 19.58
N ILE A 560 3.18 26.35 18.54
CA ILE A 560 3.34 24.91 18.67
C ILE A 560 4.07 24.37 17.45
N VAL A 561 4.92 23.39 17.69
CA VAL A 561 5.72 22.73 16.66
C VAL A 561 5.53 21.24 16.88
N THR A 562 5.09 20.54 15.85
CA THR A 562 4.80 19.12 15.95
C THR A 562 5.44 18.32 14.81
N ALA A 563 6.05 17.20 15.16
CA ALA A 563 6.69 16.31 14.19
C ALA A 563 5.92 14.99 14.15
N ARG A 564 5.61 14.50 12.95
CA ARG A 564 4.91 13.23 12.83
C ARG A 564 5.57 12.34 11.78
N ARG A 565 5.53 11.04 12.02
CA ARG A 565 6.15 10.08 11.11
C ARG A 565 5.15 9.14 10.47
N LYS A 566 5.35 8.89 9.19
CA LYS A 566 4.51 7.97 8.41
C LYS A 566 5.54 7.10 7.70
N GLY A 567 5.69 5.86 8.16
CA GLY A 567 6.67 4.97 7.55
C GLY A 567 8.04 5.49 7.91
N ASP A 568 8.81 5.88 6.90
CA ASP A 568 10.15 6.42 7.13
C ASP A 568 10.19 7.92 6.78
N VAL A 569 9.04 8.51 6.51
CA VAL A 569 8.95 9.93 6.17
C VAL A 569 8.49 10.77 7.36
N TRP A 570 9.19 11.86 7.63
CA TRP A 570 8.82 12.75 8.72
C TRP A 570 8.29 14.09 8.23
N TYR A 571 7.32 14.62 8.98
CA TYR A 571 6.73 15.92 8.67
C TYR A 571 6.77 16.77 9.94
N VAL A 572 7.01 18.06 9.78
CA VAL A 572 7.05 18.96 10.93
C VAL A 572 6.24 20.19 10.56
N GLY A 573 5.39 20.62 11.48
CA GLY A 573 4.59 21.80 11.24
C GLY A 573 4.65 22.70 12.45
N GLY A 574 4.65 24.01 12.21
CA GLY A 574 4.68 24.95 13.31
C GLY A 574 3.86 26.19 13.00
N ILE A 575 3.20 26.74 14.02
CA ILE A 575 2.42 27.95 13.84
C ILE A 575 2.61 28.85 15.03
N THR A 576 2.39 30.15 14.81
CA THR A 576 2.53 31.13 15.88
C THR A 576 1.28 31.98 15.93
N ASP A 577 1.19 32.84 16.95
CA ASP A 577 0.04 33.72 17.08
C ASP A 577 0.36 34.97 16.24
N TRP A 578 -0.19 36.11 16.59
CA TRP A 578 0.07 37.32 15.82
C TRP A 578 1.46 37.90 16.02
N SER A 579 2.26 37.24 16.85
CA SER A 579 3.63 37.70 17.08
C SER A 579 4.57 36.85 16.24
N ALA A 580 5.52 37.52 15.59
CA ALA A 580 6.51 36.80 14.79
C ALA A 580 7.45 36.12 15.78
N ARG A 581 7.99 34.97 15.40
CA ARG A 581 8.92 34.26 16.27
C ARG A 581 9.89 33.37 15.53
N ASP A 582 11.04 33.13 16.17
CA ASP A 582 12.06 32.28 15.61
C ASP A 582 12.05 30.95 16.35
N ILE A 583 11.96 29.87 15.58
CA ILE A 583 11.91 28.54 16.15
C ILE A 583 13.11 27.72 15.69
N GLU A 584 13.55 26.81 16.54
CA GLU A 584 14.64 25.93 16.19
C GLU A 584 14.08 24.53 16.24
N VAL A 585 14.25 23.80 15.15
CA VAL A 585 13.77 22.44 15.09
C VAL A 585 14.93 21.48 15.31
N ASP A 586 14.94 20.84 16.47
CA ASP A 586 15.99 19.87 16.79
C ASP A 586 15.53 18.58 16.14
N CYS A 587 16.30 18.11 15.15
CA CYS A 587 15.95 16.90 14.41
C CYS A 587 16.45 15.58 14.99
N SER A 588 16.65 15.52 16.31
CA SER A 588 17.15 14.30 16.93
C SER A 588 16.17 13.13 16.80
N PHE A 589 14.93 13.43 16.42
CA PHE A 589 13.91 12.40 16.27
C PHE A 589 14.10 11.56 14.99
N LEU A 590 14.99 12.01 14.10
CA LEU A 590 15.27 11.32 12.85
C LEU A 590 16.11 10.06 13.00
N GLY A 591 16.14 9.24 11.95
CA GLY A 591 16.93 8.02 11.94
C GLY A 591 18.37 8.36 11.64
N ASP A 592 19.17 7.36 11.27
CA ASP A 592 20.59 7.57 10.97
C ASP A 592 20.97 7.88 9.53
N LYS A 593 20.09 7.56 8.58
CA LYS A 593 20.41 7.80 7.19
C LYS A 593 20.44 9.29 6.81
N SER A 594 20.78 9.56 5.56
CA SER A 594 20.82 10.92 5.05
C SER A 594 19.47 11.28 4.44
N TYR A 595 18.90 12.40 4.89
CA TYR A 595 17.58 12.83 4.42
C TYR A 595 17.59 14.08 3.54
N HIS A 596 16.55 14.21 2.72
CA HIS A 596 16.36 15.36 1.85
C HIS A 596 15.14 16.10 2.38
N ALA A 597 15.33 17.36 2.73
CA ALA A 597 14.22 18.15 3.26
C ALA A 597 13.62 19.14 2.28
N THR A 598 12.31 19.34 2.41
CA THR A 598 11.60 20.31 1.59
C THR A 598 10.89 21.19 2.62
N LEU A 599 11.24 22.47 2.65
CA LEU A 599 10.68 23.39 3.63
C LEU A 599 9.85 24.54 3.05
N PHE A 600 8.67 24.75 3.63
CA PHE A 600 7.82 25.86 3.23
C PHE A 600 7.88 26.81 4.41
N LYS A 601 8.42 28.00 4.18
CA LYS A 601 8.55 29.02 5.22
C LYS A 601 7.91 30.33 4.77
N ASP A 602 7.53 31.17 5.71
CA ASP A 602 6.92 32.45 5.38
C ASP A 602 7.90 33.30 4.58
N GLY A 603 7.38 34.02 3.60
CA GLY A 603 8.22 34.88 2.79
C GLY A 603 8.58 36.08 3.65
N VAL A 604 9.61 36.83 3.26
CA VAL A 604 10.03 37.98 4.05
C VAL A 604 8.99 39.09 4.11
N ASN A 605 7.95 38.99 3.30
CA ASN A 605 6.92 40.02 3.33
C ASN A 605 5.57 39.44 3.74
N ALA A 606 5.61 38.23 4.30
CA ALA A 606 4.41 37.55 4.75
C ALA A 606 3.63 38.37 5.78
N HIS A 607 4.29 39.33 6.42
CA HIS A 607 3.61 40.16 7.39
C HIS A 607 2.73 41.22 6.73
N ARG A 608 2.92 41.45 5.43
CA ARG A 608 2.10 42.43 4.70
C ARG A 608 1.28 41.75 3.60
N ALA A 609 1.79 40.62 3.11
CA ALA A 609 1.11 39.85 2.08
C ALA A 609 1.14 38.41 2.56
N GLY A 610 0.02 37.98 3.16
CA GLY A 610 -0.07 36.64 3.71
C GLY A 610 0.26 35.47 2.81
N ARG A 611 0.01 35.61 1.52
CA ARG A 611 0.26 34.53 0.57
C ARG A 611 1.76 34.27 0.38
N ASP A 612 2.59 35.25 0.72
CA ASP A 612 4.03 35.15 0.54
C ASP A 612 4.70 34.00 1.28
N TYR A 613 5.32 33.09 0.52
CA TYR A 613 6.00 31.94 1.08
C TYR A 613 7.21 31.63 0.21
N LYS A 614 8.10 30.79 0.74
CA LYS A 614 9.30 30.40 0.03
C LYS A 614 9.49 28.90 0.24
N CYS A 615 9.82 28.19 -0.83
CA CYS A 615 10.05 26.76 -0.75
C CYS A 615 11.53 26.47 -0.96
N GLU A 616 12.11 25.66 -0.08
CA GLU A 616 13.53 25.33 -0.17
C GLU A 616 13.79 23.85 0.04
N SER A 617 14.85 23.37 -0.60
CA SER A 617 15.27 21.98 -0.50
C SER A 617 16.72 21.93 -0.09
N PHE A 618 17.04 21.03 0.83
CA PHE A 618 18.40 20.87 1.32
C PHE A 618 18.54 19.54 2.07
N PRO A 619 19.78 19.04 2.18
CA PRO A 619 19.99 17.78 2.89
C PRO A 619 19.97 18.04 4.39
N ILE A 620 19.53 17.06 5.17
CA ILE A 620 19.47 17.23 6.62
C ILE A 620 19.70 15.88 7.30
N LYS A 621 20.20 15.92 8.54
CA LYS A 621 20.46 14.70 9.29
C LYS A 621 20.00 14.83 10.74
N LYS A 622 20.07 13.72 11.47
CA LYS A 622 19.67 13.63 12.87
C LYS A 622 20.19 14.76 13.77
N ASP A 623 21.40 15.23 13.49
CA ASP A 623 22.01 16.29 14.30
C ASP A 623 21.59 17.71 13.89
N GLY A 624 20.81 17.81 12.82
CA GLY A 624 20.39 19.11 12.34
C GLY A 624 19.63 19.99 13.32
N LYS A 625 19.84 21.29 13.22
CA LYS A 625 19.18 22.28 14.06
C LYS A 625 18.63 23.33 13.10
N LEU A 626 17.41 23.11 12.61
CA LEU A 626 16.80 24.01 11.66
C LEU A 626 16.22 25.28 12.28
N LYS A 627 16.77 26.42 11.89
CA LYS A 627 16.31 27.71 12.39
C LYS A 627 15.29 28.22 11.37
N VAL A 628 14.11 28.61 11.84
CA VAL A 628 13.07 29.11 10.94
C VAL A 628 12.34 30.29 11.57
N HIS A 629 12.08 31.31 10.74
CA HIS A 629 11.37 32.50 11.19
C HIS A 629 9.90 32.44 10.79
N LEU A 630 9.00 32.66 11.75
CA LEU A 630 7.57 32.65 11.48
C LEU A 630 7.02 34.07 11.54
N ALA A 631 6.39 34.50 10.46
CA ALA A 631 5.80 35.84 10.40
C ALA A 631 4.56 35.87 11.29
N PRO A 632 4.00 37.07 11.53
CA PRO A 632 2.79 37.15 12.36
C PRO A 632 1.68 36.30 11.73
N GLY A 633 0.99 35.49 12.55
CA GLY A 633 -0.07 34.64 12.03
C GLY A 633 0.46 33.65 11.01
N GLY A 634 1.77 33.40 11.05
CA GLY A 634 2.38 32.48 10.11
C GLY A 634 2.75 31.12 10.67
N GLY A 635 3.72 30.49 10.02
CA GLY A 635 4.17 29.16 10.43
C GLY A 635 5.03 28.54 9.36
N PHE A 636 5.32 27.25 9.47
CA PHE A 636 6.11 26.57 8.47
C PHE A 636 5.70 25.10 8.35
N ALA A 637 6.02 24.48 7.21
CA ALA A 637 5.71 23.08 6.97
C ALA A 637 6.97 22.44 6.43
N LEU A 638 7.37 21.32 7.01
CA LEU A 638 8.59 20.65 6.61
C LEU A 638 8.39 19.18 6.31
N LYS A 639 9.01 18.73 5.23
CA LYS A 639 8.95 17.33 4.81
C LYS A 639 10.39 16.80 4.83
N ILE A 640 10.60 15.68 5.52
CA ILE A 640 11.92 15.07 5.62
C ILE A 640 11.84 13.62 5.17
N LYS A 641 12.40 13.33 4.01
CA LYS A 641 12.37 11.99 3.45
C LYS A 641 13.77 11.46 3.13
N ARG B 1 10.56 19.67 -14.76
CA ARG B 1 11.65 18.96 -13.99
C ARG B 1 11.13 18.33 -12.69
N HIS B 2 11.21 17.00 -12.62
CA HIS B 2 10.75 16.25 -11.44
C HIS B 2 11.75 15.15 -11.12
N MET B 3 11.90 14.85 -9.84
CA MET B 3 12.84 13.82 -9.42
C MET B 3 12.23 12.79 -8.47
N GLU B 4 12.75 11.57 -8.53
CA GLU B 4 12.29 10.50 -7.65
C GLU B 4 13.53 9.71 -7.22
N LEU B 5 13.62 9.43 -5.92
CA LEU B 5 14.75 8.71 -5.34
C LEU B 5 14.30 7.39 -4.75
N SER B 6 15.23 6.43 -4.74
CA SER B 6 14.96 5.13 -4.17
C SER B 6 14.94 5.35 -2.66
N PRO B 7 14.32 4.43 -1.91
CA PRO B 7 14.27 4.60 -0.46
C PRO B 7 15.64 4.88 0.18
N ASP B 8 16.69 4.22 -0.31
CA ASP B 8 18.02 4.43 0.26
C ASP B 8 18.74 5.63 -0.32
N GLY B 9 18.04 6.39 -1.17
CA GLY B 9 18.60 7.59 -1.76
C GLY B 9 19.82 7.49 -2.66
N ASN B 10 20.23 6.26 -3.01
CA ASN B 10 21.39 6.09 -3.86
C ASN B 10 21.10 5.91 -5.34
N LEU B 11 19.84 5.71 -5.69
CA LEU B 11 19.46 5.57 -7.09
C LEU B 11 18.37 6.60 -7.36
N LYS B 12 18.61 7.46 -8.34
CA LYS B 12 17.64 8.50 -8.64
C LYS B 12 17.41 8.72 -10.13
N THR B 13 16.24 9.26 -10.44
CA THR B 13 15.88 9.56 -11.81
C THR B 13 15.34 10.98 -11.88
N THR B 14 15.78 11.72 -12.89
CA THR B 14 15.32 13.09 -13.08
C THR B 14 14.47 13.09 -14.34
N ILE B 15 13.20 13.46 -14.18
CA ILE B 15 12.24 13.49 -15.27
C ILE B 15 12.03 14.91 -15.75
N THR B 16 12.27 15.13 -17.04
CA THR B 16 12.12 16.45 -17.65
C THR B 16 10.95 16.48 -18.62
N ILE B 17 10.04 17.42 -18.41
CA ILE B 17 8.88 17.58 -19.28
C ILE B 17 9.10 18.83 -20.12
N GLY B 18 9.54 18.65 -21.36
CA GLY B 18 9.77 19.79 -22.23
C GLY B 18 9.20 19.53 -23.61
N ASP B 19 9.98 19.73 -24.65
CA ASP B 19 9.50 19.47 -26.00
C ASP B 19 9.29 17.95 -26.07
N ARG B 20 10.13 17.23 -25.32
CA ARG B 20 10.05 15.78 -25.24
C ARG B 20 10.01 15.40 -23.76
N LEU B 21 9.57 14.18 -23.48
CA LEU B 21 9.50 13.67 -22.10
C LEU B 21 10.68 12.72 -21.90
N THR B 22 11.59 13.09 -21.00
CA THR B 22 12.76 12.26 -20.77
C THR B 22 13.03 11.97 -19.30
N TYR B 23 13.75 10.89 -19.04
CA TYR B 23 14.13 10.52 -17.69
C TYR B 23 15.57 10.01 -17.75
N ASP B 24 16.29 10.11 -16.64
CA ASP B 24 17.66 9.64 -16.61
C ASP B 24 17.86 8.81 -15.35
N ILE B 25 19.05 8.26 -15.17
CA ILE B 25 19.33 7.47 -13.98
C ILE B 25 20.72 7.75 -13.45
N THR B 26 20.80 7.99 -12.15
CA THR B 26 22.07 8.26 -11.49
C THR B 26 22.21 7.27 -10.35
N CYS B 27 23.34 6.59 -10.31
CA CYS B 27 23.63 5.62 -9.27
C CYS B 27 24.83 6.09 -8.46
N ASN B 28 24.60 6.32 -7.17
CA ASN B 28 25.65 6.81 -6.28
C ASN B 28 26.30 8.07 -6.87
N GLY B 29 25.47 8.98 -7.37
CA GLY B 29 25.98 10.22 -7.93
C GLY B 29 26.47 10.16 -9.36
N ARG B 30 26.74 8.96 -9.86
CA ARG B 30 27.22 8.82 -11.23
C ARG B 30 26.08 8.53 -12.21
N GLN B 31 25.96 9.37 -13.23
CA GLN B 31 24.91 9.21 -14.22
C GLN B 31 25.22 8.06 -15.17
N ILE B 32 24.45 6.98 -15.05
CA ILE B 32 24.65 5.82 -15.90
C ILE B 32 23.70 5.80 -17.10
N LEU B 33 22.66 6.63 -17.03
CA LEU B 33 21.70 6.76 -18.13
C LEU B 33 21.44 8.26 -18.31
N THR B 34 21.72 8.76 -19.49
CA THR B 34 21.50 10.18 -19.79
C THR B 34 20.03 10.38 -20.15
N PRO B 35 19.53 11.62 -20.16
CA PRO B 35 18.13 11.90 -20.49
C PRO B 35 17.64 11.11 -21.70
N SER B 36 16.72 10.17 -21.44
CA SER B 36 16.18 9.32 -22.50
C SER B 36 14.71 9.62 -22.78
N PRO B 37 14.35 9.72 -24.06
CA PRO B 37 12.99 10.00 -24.53
C PRO B 37 12.03 8.83 -24.41
N ILE B 38 10.78 9.13 -24.06
CA ILE B 38 9.74 8.12 -23.96
C ILE B 38 8.47 8.77 -24.52
N SER B 39 7.74 8.02 -25.34
CA SER B 39 6.51 8.54 -25.93
C SER B 39 5.69 7.44 -26.58
N MET B 40 4.41 7.75 -26.80
CA MET B 40 3.48 6.83 -27.46
C MET B 40 2.70 7.64 -28.48
N THR B 41 2.67 7.15 -29.72
CA THR B 41 1.96 7.84 -30.80
C THR B 41 0.66 7.12 -31.15
N LEU B 42 -0.44 7.84 -31.05
CA LEU B 42 -1.76 7.29 -31.35
C LEU B 42 -2.14 7.58 -32.81
N ASP B 43 -3.06 6.78 -33.34
CA ASP B 43 -3.47 6.96 -34.73
C ASP B 43 -4.17 8.28 -35.05
N ASN B 44 -4.52 9.06 -34.03
CA ASN B 44 -5.16 10.35 -34.29
C ASN B 44 -4.14 11.49 -34.28
N GLY B 45 -2.87 11.14 -34.44
CA GLY B 45 -1.84 12.16 -34.47
C GLY B 45 -1.35 12.62 -33.10
N THR B 46 -2.15 12.36 -32.06
CA THR B 46 -1.78 12.74 -30.70
C THR B 46 -0.53 11.97 -30.27
N VAL B 47 0.40 12.65 -29.62
CA VAL B 47 1.62 12.00 -29.17
C VAL B 47 1.89 12.23 -27.69
N TRP B 48 1.64 11.21 -26.87
CA TRP B 48 1.88 11.31 -25.45
C TRP B 48 3.39 11.41 -25.24
N GLY B 49 3.85 12.54 -24.71
CA GLY B 49 5.27 12.71 -24.49
C GLY B 49 5.85 13.94 -25.17
N GLU B 50 5.15 14.43 -26.19
CA GLU B 50 5.61 15.62 -26.91
C GLU B 50 4.77 16.81 -26.47
N ASN B 51 5.44 17.82 -25.90
CA ASN B 51 4.75 19.02 -25.45
C ASN B 51 3.64 18.63 -24.46
N ALA B 52 3.93 17.65 -23.61
CA ALA B 52 2.96 17.18 -22.62
C ALA B 52 2.56 18.28 -21.65
N LYS B 53 1.30 18.26 -21.23
CA LYS B 53 0.79 19.26 -20.31
C LYS B 53 0.24 18.59 -19.04
N LEU B 54 0.90 18.83 -17.91
CA LEU B 54 0.47 18.25 -16.64
C LEU B 54 -0.87 18.81 -16.14
N SER B 55 -1.62 17.98 -15.45
CA SER B 55 -2.88 18.40 -14.87
C SER B 55 -2.76 18.16 -13.37
N GLY B 56 -1.82 17.29 -13.00
CA GLY B 56 -1.59 16.98 -11.60
C GLY B 56 -0.55 15.90 -11.40
N THR B 57 -0.17 15.66 -10.14
CA THR B 57 0.82 14.64 -9.82
C THR B 57 0.55 14.16 -8.40
N SER B 58 1.22 13.08 -8.01
CA SER B 58 1.09 12.55 -6.65
C SER B 58 2.26 11.62 -6.39
N ARG B 59 2.64 11.50 -5.13
CA ARG B 59 3.76 10.66 -4.74
C ARG B 59 3.31 9.62 -3.73
N LYS B 60 3.97 8.46 -3.75
CA LYS B 60 3.68 7.38 -2.83
C LYS B 60 4.98 6.79 -2.31
N SER B 61 4.97 6.36 -1.06
CA SER B 61 6.14 5.72 -0.45
C SER B 61 5.60 4.37 -0.02
N VAL B 62 6.02 3.32 -0.71
CA VAL B 62 5.51 1.99 -0.43
C VAL B 62 6.52 0.98 0.14
N ASP B 63 6.08 0.24 1.15
CA ASP B 63 6.90 -0.79 1.76
C ASP B 63 5.93 -1.88 2.22
N GLU B 64 5.70 -2.84 1.34
CA GLU B 64 4.76 -3.93 1.61
C GLU B 64 5.34 -5.27 1.15
N MET B 65 4.73 -6.35 1.64
CA MET B 65 5.15 -7.70 1.28
C MET B 65 4.13 -8.27 0.30
N ILE B 66 4.61 -8.76 -0.83
CA ILE B 66 3.73 -9.33 -1.86
C ILE B 66 3.84 -10.86 -1.85
N PRO B 67 2.72 -11.56 -1.64
CA PRO B 67 2.78 -13.03 -1.64
C PRO B 67 3.29 -13.56 -2.97
N SER B 68 4.20 -14.53 -2.92
CA SER B 68 4.77 -15.09 -4.14
C SER B 68 4.81 -16.62 -4.17
N PRO B 69 3.64 -17.27 -4.27
CA PRO B 69 3.59 -18.74 -4.30
C PRO B 69 4.21 -19.33 -5.56
N PHE B 70 4.75 -20.55 -5.44
CA PHE B 70 5.36 -21.26 -6.55
C PHE B 70 6.50 -20.48 -7.17
N TYR B 71 7.38 -19.95 -6.32
CA TYR B 71 8.51 -19.17 -6.80
C TYR B 71 9.70 -19.30 -5.87
N ARG B 72 10.49 -18.23 -5.76
CA ARG B 72 11.70 -18.23 -4.94
C ARG B 72 11.55 -18.01 -3.44
N ALA B 73 10.42 -17.46 -3.03
CA ALA B 73 10.18 -17.22 -1.60
C ALA B 73 8.68 -17.17 -1.33
N SER B 74 8.30 -17.25 -0.05
CA SER B 74 6.89 -17.21 0.34
C SER B 74 6.27 -15.87 -0.05
N GLU B 75 7.07 -14.81 0.10
CA GLU B 75 6.66 -13.46 -0.22
C GLU B 75 7.87 -12.62 -0.58
N LEU B 76 7.63 -11.53 -1.31
CA LEU B 76 8.70 -10.66 -1.73
C LEU B 76 8.42 -9.23 -1.29
N ARG B 77 9.44 -8.55 -0.81
CA ARG B 77 9.29 -7.18 -0.35
C ARG B 77 9.17 -6.22 -1.54
N ASN B 78 8.19 -5.33 -1.47
CA ASN B 78 7.93 -4.32 -2.50
C ASN B 78 8.19 -2.97 -1.82
N HIS B 79 9.42 -2.47 -1.95
CA HIS B 79 9.83 -1.22 -1.31
C HIS B 79 10.30 -0.15 -2.30
N TYR B 80 9.50 0.90 -2.48
CA TYR B 80 9.86 1.95 -3.44
C TYR B 80 9.18 3.30 -3.18
N ASN B 81 9.62 4.30 -3.94
CA ASN B 81 9.03 5.63 -3.89
C ASN B 81 8.45 5.84 -5.30
N GLY B 82 7.18 6.22 -5.37
CA GLY B 82 6.57 6.40 -6.66
C GLY B 82 6.09 7.80 -6.98
N LEU B 83 6.26 8.19 -8.23
CA LEU B 83 5.84 9.50 -8.70
C LEU B 83 4.95 9.28 -9.91
N THR B 84 3.71 9.77 -9.84
CA THR B 84 2.78 9.62 -10.95
C THR B 84 2.49 10.97 -11.57
N LEU B 85 2.74 11.08 -12.88
CA LEU B 85 2.50 12.31 -13.60
C LEU B 85 1.22 12.14 -14.42
N ARG B 86 0.22 12.97 -14.15
CA ARG B 86 -1.05 12.91 -14.87
C ARG B 86 -1.15 14.09 -15.83
N PHE B 87 -1.39 13.77 -17.10
CA PHE B 87 -1.43 14.80 -18.14
C PHE B 87 -2.80 15.06 -18.73
N LYS B 88 -2.91 16.21 -19.39
CA LYS B 88 -4.14 16.60 -20.05
C LYS B 88 -4.27 15.63 -21.22
N LYS B 89 -5.48 15.12 -21.43
CA LYS B 89 -5.80 14.16 -22.47
C LYS B 89 -5.90 12.74 -21.93
N ASP B 90 -6.25 12.63 -20.65
CA ASP B 90 -6.45 11.35 -19.99
C ASP B 90 -5.37 10.27 -20.11
N TRP B 91 -4.12 10.62 -19.81
CA TRP B 91 -3.03 9.65 -19.84
C TRP B 91 -2.02 10.00 -18.77
N ASN B 92 -1.45 8.98 -18.14
CA ASN B 92 -0.48 9.19 -17.09
C ASN B 92 0.81 8.44 -17.37
N VAL B 93 1.79 8.67 -16.50
CA VAL B 93 3.06 7.98 -16.58
C VAL B 93 3.43 7.79 -15.13
N GLU B 94 3.68 6.55 -14.72
CA GLU B 94 4.06 6.28 -13.34
C GLU B 94 5.53 5.90 -13.30
N PHE B 95 6.25 6.48 -12.35
CA PHE B 95 7.67 6.20 -12.18
C PHE B 95 7.88 5.63 -10.78
N ARG B 96 8.73 4.61 -10.68
CA ARG B 96 9.03 4.03 -9.38
C ARG B 96 10.52 3.90 -9.22
N ALA B 97 10.99 4.17 -8.01
CA ALA B 97 12.41 4.05 -7.71
C ALA B 97 12.57 3.04 -6.59
N TYR B 98 13.17 1.89 -6.94
CA TYR B 98 13.45 0.82 -5.98
C TYR B 98 14.95 0.94 -5.75
N ASN B 99 15.48 0.33 -4.70
CA ASN B 99 16.91 0.43 -4.46
C ASN B 99 17.70 -0.28 -5.55
N ASP B 100 17.03 -1.15 -6.30
CA ASP B 100 17.71 -1.89 -7.36
C ASP B 100 17.15 -1.65 -8.76
N GLY B 101 16.49 -0.51 -8.95
CA GLY B 101 15.96 -0.23 -10.26
C GLY B 101 15.01 0.96 -10.41
N ILE B 102 14.94 1.47 -11.63
CA ILE B 102 14.06 2.58 -11.98
C ILE B 102 13.09 2.00 -13.01
N ALA B 103 11.81 2.29 -12.85
CA ALA B 103 10.83 1.77 -13.80
C ALA B 103 9.68 2.74 -14.04
N TYR B 104 9.11 2.71 -15.23
CA TYR B 104 7.98 3.57 -15.56
C TYR B 104 6.98 2.85 -16.47
N ARG B 105 5.78 3.40 -16.58
CA ARG B 105 4.75 2.83 -17.45
C ARG B 105 3.73 3.89 -17.78
N PHE B 106 3.23 3.85 -19.01
CA PHE B 106 2.19 4.78 -19.44
C PHE B 106 0.89 4.18 -18.96
N VAL B 107 -0.13 5.01 -18.79
CA VAL B 107 -1.43 4.56 -18.35
C VAL B 107 -2.51 5.30 -19.14
N ASN B 108 -3.44 4.55 -19.70
CA ASN B 108 -4.52 5.15 -20.45
C ASN B 108 -5.77 5.29 -19.60
N GLN B 109 -6.29 6.51 -19.52
CA GLN B 109 -7.50 6.79 -18.75
C GLN B 109 -8.63 7.17 -19.69
N GLY B 110 -8.31 7.29 -20.98
CA GLY B 110 -9.30 7.65 -21.97
C GLY B 110 -10.30 6.54 -22.17
N LYS B 111 -11.57 6.91 -22.34
CA LYS B 111 -12.62 5.92 -22.53
C LYS B 111 -12.93 5.59 -24.00
N LYS B 112 -12.45 6.39 -24.93
CA LYS B 112 -12.69 6.13 -26.34
C LYS B 112 -11.57 5.34 -26.99
N PRO B 113 -11.92 4.33 -27.81
CA PRO B 113 -10.96 3.47 -28.51
C PRO B 113 -9.98 4.23 -29.39
N PHE B 114 -8.79 3.66 -29.56
CA PHE B 114 -7.77 4.25 -30.39
C PHE B 114 -6.69 3.21 -30.66
N ARG B 115 -5.78 3.53 -31.57
CA ARG B 115 -4.69 2.63 -31.88
C ARG B 115 -3.35 3.29 -31.60
N VAL B 116 -2.40 2.48 -31.13
CA VAL B 116 -1.05 2.96 -30.86
C VAL B 116 -0.21 2.68 -32.12
N VAL B 117 0.23 3.74 -32.79
CA VAL B 117 1.03 3.58 -34.01
C VAL B 117 2.42 3.06 -33.67
N THR B 118 3.11 3.76 -32.78
CA THR B 118 4.42 3.36 -32.32
C THR B 118 4.66 3.88 -30.91
N GLU B 119 5.72 3.37 -30.30
CA GLU B 119 6.10 3.78 -28.96
C GLU B 119 7.59 4.03 -28.95
N VAL B 120 8.01 5.01 -28.17
CA VAL B 120 9.42 5.32 -28.07
C VAL B 120 9.85 5.06 -26.65
N SER B 121 10.96 4.35 -26.51
CA SER B 121 11.53 4.05 -25.22
C SER B 121 13.01 3.91 -25.48
N ASP B 122 13.73 5.02 -25.43
CA ASP B 122 15.15 4.99 -25.68
C ASP B 122 15.94 4.76 -24.40
N TYR B 123 17.17 4.28 -24.57
CA TYR B 123 18.08 4.05 -23.45
C TYR B 123 19.38 4.67 -23.91
N CYS B 124 19.54 5.96 -23.61
CA CYS B 124 20.72 6.70 -23.99
C CYS B 124 21.82 6.61 -22.95
N PHE B 125 22.87 5.88 -23.28
CA PHE B 125 23.99 5.71 -22.37
C PHE B 125 25.06 6.77 -22.64
N PRO B 126 25.78 7.19 -21.58
CA PRO B 126 26.84 8.21 -21.65
C PRO B 126 28.13 7.79 -22.32
N SER B 127 28.36 6.48 -22.44
CA SER B 127 29.59 5.99 -23.07
C SER B 127 29.40 4.66 -23.80
N ASP B 128 30.42 4.28 -24.56
CA ASP B 128 30.38 3.04 -25.33
C ASP B 128 30.55 1.83 -24.42
N MET B 129 29.56 1.62 -23.55
CA MET B 129 29.57 0.52 -22.60
C MET B 129 29.44 -0.84 -23.30
N THR B 130 29.81 -1.90 -22.57
CA THR B 130 29.74 -3.25 -23.10
C THR B 130 28.41 -3.91 -22.74
N ALA B 131 27.66 -4.31 -23.76
CA ALA B 131 26.37 -4.95 -23.54
C ALA B 131 26.40 -6.47 -23.83
N SER B 132 25.59 -7.20 -23.10
CA SER B 132 25.46 -8.65 -23.29
C SER B 132 24.01 -8.79 -23.72
N VAL B 133 23.82 -9.09 -25.01
CA VAL B 133 22.49 -9.17 -25.56
C VAL B 133 22.15 -10.44 -26.33
N PRO B 134 20.85 -10.78 -26.36
CA PRO B 134 20.38 -11.96 -27.07
C PRO B 134 19.71 -11.49 -28.37
N TYR B 135 20.41 -11.65 -29.48
CA TYR B 135 19.87 -11.25 -30.79
C TYR B 135 18.74 -12.20 -31.17
N VAL B 136 17.81 -11.72 -32.00
CA VAL B 136 16.76 -12.59 -32.47
C VAL B 136 17.56 -13.56 -33.34
N LYS B 137 17.32 -14.85 -33.20
CA LYS B 137 18.07 -15.85 -33.95
C LYS B 137 17.69 -15.99 -35.42
N SER B 138 16.41 -15.86 -35.73
CA SER B 138 15.96 -16.05 -37.12
C SER B 138 15.76 -14.77 -37.94
N GLY B 139 15.43 -14.95 -39.21
CA GLY B 139 15.22 -13.82 -40.10
C GLY B 139 16.52 -13.24 -40.64
N LYS B 140 16.41 -12.27 -41.53
CA LYS B 140 17.59 -11.64 -42.11
C LYS B 140 17.80 -10.23 -41.58
N ASP B 141 19.07 -9.80 -41.56
CA ASP B 141 19.38 -8.45 -41.10
C ASP B 141 18.64 -7.42 -41.95
N GLY B 142 18.05 -6.42 -41.30
CA GLY B 142 17.33 -5.39 -42.03
C GLY B 142 15.87 -5.69 -42.31
N ASP B 143 15.52 -6.97 -42.27
CA ASP B 143 14.14 -7.38 -42.51
C ASP B 143 13.52 -7.70 -41.15
N TYR B 144 12.99 -6.69 -40.49
CA TYR B 144 12.41 -6.86 -39.17
C TYR B 144 11.18 -7.75 -39.08
N ASN B 145 10.38 -7.77 -40.14
CA ASN B 145 9.19 -8.62 -40.14
C ASN B 145 9.62 -10.09 -40.14
N SER B 146 10.78 -10.37 -40.72
CA SER B 146 11.28 -11.75 -40.77
C SER B 146 11.86 -12.12 -39.41
N GLN B 147 12.16 -11.11 -38.59
CA GLN B 147 12.71 -11.35 -37.25
C GLN B 147 11.62 -11.46 -36.17
N PHE B 148 10.49 -10.78 -36.36
CA PHE B 148 9.42 -10.82 -35.37
C PHE B 148 8.88 -12.23 -35.16
N PHE B 149 9.05 -13.09 -36.16
CA PHE B 149 8.62 -14.47 -36.12
C PHE B 149 9.83 -15.27 -35.64
N ASN B 150 9.94 -15.46 -34.32
CA ASN B 150 11.08 -16.18 -33.73
C ASN B 150 10.70 -16.83 -32.41
N SER B 151 11.49 -17.80 -31.96
CA SER B 151 11.19 -18.50 -30.71
C SER B 151 11.83 -17.91 -29.45
N PHE B 152 12.45 -16.73 -29.58
CA PHE B 152 13.07 -16.05 -28.44
C PHE B 152 14.10 -16.94 -27.73
N GLU B 153 14.77 -17.79 -28.51
CA GLU B 153 15.76 -18.69 -27.96
C GLU B 153 17.11 -18.42 -28.59
N ASN B 154 18.03 -17.91 -27.79
CA ASN B 154 19.36 -17.64 -28.29
C ASN B 154 20.38 -17.38 -27.18
N THR B 155 21.63 -17.48 -27.57
CA THR B 155 22.79 -17.28 -26.73
C THR B 155 23.05 -15.77 -26.62
N TYR B 156 23.96 -15.35 -25.73
CA TYR B 156 24.26 -13.93 -25.57
C TYR B 156 25.52 -13.51 -26.31
N THR B 157 25.45 -12.31 -26.91
CA THR B 157 26.59 -11.74 -27.60
C THR B 157 27.03 -10.57 -26.72
N THR B 158 28.29 -10.54 -26.34
CA THR B 158 28.81 -9.47 -25.51
C THR B 158 29.75 -8.58 -26.30
N ASP B 159 29.44 -7.29 -26.38
CA ASP B 159 30.28 -6.36 -27.11
C ASP B 159 29.88 -4.92 -26.80
N LYS B 160 30.70 -3.98 -27.26
CA LYS B 160 30.44 -2.56 -27.05
C LYS B 160 29.21 -2.15 -27.83
N LEU B 161 28.47 -1.19 -27.29
CA LEU B 161 27.26 -0.70 -27.95
C LEU B 161 27.54 -0.33 -29.41
N SER B 162 28.69 0.27 -29.67
CA SER B 162 29.06 0.70 -31.01
C SER B 162 29.37 -0.46 -31.97
N LYS B 163 29.70 -1.62 -31.41
CA LYS B 163 30.01 -2.78 -32.24
C LYS B 163 28.86 -3.77 -32.41
N LEU B 164 27.70 -3.46 -31.84
CA LEU B 164 26.53 -4.32 -31.95
C LEU B 164 25.94 -4.24 -33.36
N ASN B 165 25.39 -5.35 -33.84
CA ASN B 165 24.76 -5.39 -35.17
C ASN B 165 23.60 -4.38 -35.19
N LYS B 166 23.71 -3.37 -36.03
CA LYS B 166 22.69 -2.34 -36.11
C LYS B 166 21.45 -2.76 -36.91
N GLN B 167 21.46 -3.95 -37.48
CA GLN B 167 20.33 -4.42 -38.27
C GLN B 167 19.58 -5.63 -37.71
N ARG B 168 19.89 -6.00 -36.48
CA ARG B 168 19.21 -7.15 -35.88
C ARG B 168 18.66 -6.81 -34.50
N LEU B 169 17.41 -7.19 -34.28
CA LEU B 169 16.76 -6.93 -33.01
C LEU B 169 17.33 -7.78 -31.88
N MET B 170 17.12 -7.31 -30.66
CA MET B 170 17.57 -8.00 -29.47
C MET B 170 16.35 -8.08 -28.55
N PHE B 171 16.04 -9.27 -28.04
CA PHE B 171 14.90 -9.39 -27.15
C PHE B 171 15.35 -9.19 -25.71
N LEU B 172 14.36 -9.04 -24.82
CA LEU B 172 14.63 -8.81 -23.41
C LEU B 172 14.53 -10.07 -22.55
N PRO B 173 15.23 -10.10 -21.41
CA PRO B 173 16.12 -9.06 -20.88
C PRO B 173 17.51 -9.02 -21.54
N LEU B 174 18.21 -7.90 -21.40
CA LEU B 174 19.58 -7.77 -21.89
C LEU B 174 20.31 -6.90 -20.87
N VAL B 175 21.63 -7.03 -20.80
CA VAL B 175 22.41 -6.28 -19.82
C VAL B 175 23.43 -5.31 -20.43
N VAL B 176 23.59 -4.16 -19.78
CA VAL B 176 24.57 -3.16 -20.20
C VAL B 176 25.48 -2.90 -19.00
N ASP B 177 26.77 -3.17 -19.19
CA ASP B 177 27.77 -2.98 -18.15
C ASP B 177 28.17 -1.50 -18.06
N ALA B 178 27.75 -0.82 -16.99
CA ALA B 178 28.04 0.60 -16.81
C ALA B 178 29.41 0.88 -16.19
N GLY B 179 30.23 -0.16 -16.03
CA GLY B 179 31.54 0.01 -15.46
C GLY B 179 31.51 0.05 -13.95
N ASP B 180 32.65 -0.27 -13.33
CA ASP B 180 32.77 -0.27 -11.87
C ASP B 180 31.85 -1.28 -11.18
N GLY B 181 31.61 -2.42 -11.83
CA GLY B 181 30.77 -3.44 -11.26
C GLY B 181 29.29 -3.13 -11.29
N VAL B 182 28.94 -1.99 -11.89
CA VAL B 182 27.54 -1.57 -12.00
C VAL B 182 26.93 -2.12 -13.29
N LYS B 183 25.72 -2.66 -13.18
CA LYS B 183 25.04 -3.20 -14.35
C LYS B 183 23.60 -2.74 -14.47
N VAL B 184 23.16 -2.59 -15.72
CA VAL B 184 21.80 -2.19 -16.03
C VAL B 184 21.19 -3.34 -16.81
N CYS B 185 20.08 -3.87 -16.30
CA CYS B 185 19.39 -4.97 -16.95
C CYS B 185 18.03 -4.42 -17.37
N ILE B 186 17.79 -4.39 -18.67
CA ILE B 186 16.53 -3.88 -19.20
C ILE B 186 15.56 -5.01 -19.46
N THR B 187 14.32 -4.84 -19.00
CA THR B 187 13.29 -5.84 -19.20
C THR B 187 11.95 -5.14 -19.00
N GLU B 188 10.86 -5.89 -19.12
CA GLU B 188 9.53 -5.32 -18.95
C GLU B 188 8.69 -6.35 -18.22
N SER B 189 7.55 -5.91 -17.67
CA SER B 189 6.66 -6.81 -16.95
C SER B 189 5.21 -6.38 -17.14
N ASP B 190 4.28 -7.30 -16.88
CA ASP B 190 2.85 -7.07 -17.09
C ASP B 190 2.66 -6.84 -18.59
N LEU B 191 3.19 -7.78 -19.38
CA LEU B 191 3.09 -7.73 -20.83
C LEU B 191 1.82 -8.43 -21.26
N GLU B 192 0.69 -7.78 -21.05
CA GLU B 192 -0.59 -8.36 -21.43
C GLU B 192 -1.24 -7.56 -22.54
N ASN B 193 -1.70 -8.28 -23.57
CA ASN B 193 -2.38 -7.68 -24.71
C ASN B 193 -1.66 -6.42 -25.20
N TYR B 194 -0.36 -6.56 -25.45
CA TYR B 194 0.47 -5.47 -25.94
C TYR B 194 1.73 -6.12 -26.52
N PRO B 195 2.22 -5.62 -27.67
CA PRO B 195 3.42 -6.19 -28.29
C PRO B 195 4.68 -6.11 -27.43
N GLY B 196 5.46 -7.19 -27.44
CA GLY B 196 6.69 -7.21 -26.68
C GLY B 196 7.67 -6.16 -27.16
N LEU B 197 8.57 -5.75 -26.27
CA LEU B 197 9.55 -4.72 -26.58
C LEU B 197 10.94 -5.26 -26.96
N TYR B 198 11.38 -4.93 -28.17
CA TYR B 198 12.71 -5.32 -28.66
C TYR B 198 13.58 -4.08 -28.59
N LEU B 199 14.89 -4.27 -28.51
CA LEU B 199 15.80 -3.14 -28.47
C LEU B 199 16.63 -3.17 -29.75
N SER B 200 16.99 -2.00 -30.25
CA SER B 200 17.76 -1.88 -31.48
C SER B 200 18.90 -0.91 -31.30
N ALA B 201 19.99 -1.15 -32.04
CA ALA B 201 21.15 -0.27 -31.98
C ALA B 201 21.24 0.50 -33.30
N SER B 202 20.17 0.42 -34.08
CA SER B 202 20.10 1.07 -35.38
C SER B 202 20.25 2.59 -35.41
N GLU B 203 20.09 3.25 -34.26
CA GLU B 203 20.21 4.71 -34.29
C GLU B 203 20.90 5.35 -33.10
N GLY B 204 21.51 6.50 -33.36
CA GLY B 204 22.22 7.22 -32.33
C GLY B 204 23.50 6.52 -31.91
N ALA B 205 24.22 7.14 -30.98
CA ALA B 205 25.46 6.58 -30.47
C ALA B 205 25.24 6.21 -29.02
N ASN B 206 25.68 5.01 -28.65
CA ASN B 206 25.52 4.53 -27.29
C ASN B 206 24.05 4.53 -26.91
N ARG B 207 23.20 4.22 -27.87
CA ARG B 207 21.76 4.21 -27.63
C ARG B 207 21.06 2.94 -28.10
N LEU B 208 20.12 2.46 -27.30
CA LEU B 208 19.33 1.29 -27.66
C LEU B 208 17.91 1.80 -27.83
N SER B 209 17.35 1.57 -29.02
CA SER B 209 15.99 2.02 -29.32
C SER B 209 15.02 0.87 -29.34
N SER B 210 13.77 1.17 -29.05
CA SER B 210 12.75 0.13 -29.02
C SER B 210 12.08 -0.12 -30.36
N MET B 211 11.61 -1.35 -30.53
CA MET B 211 10.88 -1.76 -31.73
C MET B 211 9.83 -2.77 -31.28
N HIS B 212 8.64 -2.66 -31.87
CA HIS B 212 7.56 -3.58 -31.56
C HIS B 212 7.02 -4.19 -32.84
N ALA B 213 6.61 -5.44 -32.76
CA ALA B 213 6.06 -6.13 -33.92
C ALA B 213 4.72 -5.47 -34.20
N PRO B 214 4.43 -5.17 -35.47
CA PRO B 214 3.16 -4.55 -35.81
C PRO B 214 1.97 -5.49 -35.62
N TYR B 215 0.78 -4.91 -35.45
CA TYR B 215 -0.44 -5.68 -35.26
C TYR B 215 -0.66 -6.50 -36.53
N PRO B 216 -1.01 -7.79 -36.38
CA PRO B 216 -1.25 -8.65 -37.54
C PRO B 216 -2.49 -8.31 -38.36
N LYS B 217 -2.32 -8.21 -39.67
CA LYS B 217 -3.40 -7.91 -40.61
C LYS B 217 -3.92 -9.20 -41.24
N ARG B 218 -3.00 -10.03 -41.69
CA ARG B 218 -3.36 -11.32 -42.30
C ARG B 218 -2.50 -12.43 -41.70
N THR B 219 -3.17 -13.47 -41.21
CA THR B 219 -2.51 -14.61 -40.60
C THR B 219 -2.86 -15.88 -41.35
N VAL B 220 -1.89 -16.77 -41.52
CA VAL B 220 -2.12 -18.02 -42.22
C VAL B 220 -1.51 -19.22 -41.47
N GLN B 221 -2.21 -20.34 -41.51
CA GLN B 221 -1.76 -21.56 -40.84
C GLN B 221 -0.56 -22.16 -41.57
N GLY B 222 0.47 -22.53 -40.82
CA GLY B 222 1.67 -23.12 -41.42
C GLY B 222 2.73 -23.43 -40.38
N GLY B 223 3.99 -23.33 -40.78
CA GLY B 223 5.09 -23.59 -39.85
C GLY B 223 5.17 -25.03 -39.36
N HIS B 224 5.82 -25.20 -38.20
CA HIS B 224 6.02 -26.51 -37.58
C HIS B 224 4.77 -27.38 -37.56
N ASN B 225 4.77 -28.42 -38.40
CA ASN B 225 3.67 -29.35 -38.51
C ASN B 225 2.27 -28.72 -38.59
N GLN B 226 2.19 -27.56 -39.25
CA GLN B 226 0.93 -26.85 -39.42
C GLN B 226 0.25 -26.43 -38.12
N LEU B 227 1.06 -26.25 -37.07
CA LEU B 227 0.54 -25.86 -35.77
C LEU B 227 0.75 -24.37 -35.49
N GLN B 228 1.31 -23.66 -36.45
CA GLN B 228 1.58 -22.24 -36.27
C GLN B 228 0.73 -21.33 -37.14
N MET B 229 0.53 -20.10 -36.68
CA MET B 229 -0.20 -19.10 -37.45
C MET B 229 0.84 -18.03 -37.74
N LEU B 230 1.28 -17.96 -38.99
CA LEU B 230 2.29 -17.00 -39.41
C LEU B 230 1.71 -15.69 -39.90
N VAL B 231 2.33 -14.58 -39.48
CA VAL B 231 1.89 -13.26 -39.88
C VAL B 231 2.42 -12.99 -41.28
N LYS B 232 1.53 -12.89 -42.26
CA LYS B 232 1.95 -12.63 -43.63
C LYS B 232 1.81 -11.14 -43.98
N GLU B 233 0.87 -10.48 -43.34
CA GLU B 233 0.63 -9.05 -43.54
C GLU B 233 0.42 -8.40 -42.17
N HIS B 234 0.79 -7.13 -42.06
CA HIS B 234 0.65 -6.41 -40.80
C HIS B 234 0.03 -5.04 -41.02
N GLU B 235 -0.61 -4.53 -39.96
CA GLU B 235 -1.25 -3.21 -40.01
C GLU B 235 -0.16 -2.15 -39.86
N ASP B 236 -0.57 -0.88 -39.93
CA ASP B 236 0.36 0.24 -39.78
C ASP B 236 0.29 0.83 -38.38
N TYR B 237 0.19 -0.06 -37.40
CA TYR B 237 0.14 0.30 -35.99
C TYR B 237 0.52 -0.95 -35.18
N ILE B 238 0.79 -0.78 -33.89
CA ILE B 238 1.21 -1.91 -33.08
C ILE B 238 0.23 -2.42 -32.05
N ALA B 239 -0.78 -1.62 -31.72
CA ALA B 239 -1.75 -2.04 -30.70
C ALA B 239 -3.09 -1.35 -30.76
N LYS B 240 -4.13 -2.11 -30.45
CA LYS B 240 -5.51 -1.61 -30.42
C LYS B 240 -5.88 -1.44 -28.96
N VAL B 241 -6.45 -0.30 -28.60
CA VAL B 241 -6.85 -0.05 -27.22
C VAL B 241 -8.30 0.41 -27.21
N ASP B 242 -9.13 -0.21 -26.38
CA ASP B 242 -10.53 0.17 -26.33
C ASP B 242 -11.07 0.45 -24.93
N LYS B 243 -10.18 0.59 -23.95
CA LYS B 243 -10.61 0.88 -22.60
C LYS B 243 -9.45 1.32 -21.73
N PRO B 244 -9.74 1.98 -20.59
CA PRO B 244 -8.66 2.41 -19.70
C PRO B 244 -7.81 1.22 -19.32
N ARG B 245 -6.50 1.41 -19.24
CA ARG B 245 -5.61 0.30 -18.90
C ARG B 245 -4.20 0.77 -18.59
N ASN B 246 -3.45 -0.13 -17.96
CA ASN B 246 -2.05 0.13 -17.68
C ASN B 246 -1.32 -0.44 -18.88
N PHE B 247 -0.16 0.09 -19.19
CA PHE B 247 0.64 -0.47 -20.28
C PHE B 247 1.79 -1.11 -19.55
N PRO B 248 2.56 -1.99 -20.22
CA PRO B 248 3.69 -2.67 -19.59
C PRO B 248 4.74 -1.75 -18.96
N TRP B 249 5.32 -2.19 -17.85
CA TRP B 249 6.37 -1.44 -17.17
C TRP B 249 7.66 -1.58 -17.98
N ARG B 250 8.42 -0.50 -18.07
CA ARG B 250 9.71 -0.53 -18.76
C ARG B 250 10.69 -0.49 -17.57
N ILE B 251 11.35 -1.61 -17.35
CA ILE B 251 12.24 -1.74 -16.21
C ILE B 251 13.72 -1.65 -16.48
N ALA B 252 14.40 -0.81 -15.70
CA ALA B 252 15.85 -0.66 -15.82
C ALA B 252 16.44 -1.06 -14.48
N VAL B 253 16.79 -2.34 -14.37
CA VAL B 253 17.39 -2.86 -13.15
C VAL B 253 18.81 -2.30 -13.05
N VAL B 254 19.16 -1.79 -11.87
CA VAL B 254 20.49 -1.23 -11.64
C VAL B 254 21.06 -1.86 -10.38
N THR B 255 22.23 -2.47 -10.50
CA THR B 255 22.86 -3.14 -9.37
C THR B 255 24.35 -2.83 -9.28
N THR B 256 24.90 -2.91 -8.06
CA THR B 256 26.32 -2.65 -7.85
C THR B 256 27.11 -3.96 -7.65
N THR B 257 26.40 -5.06 -7.44
CA THR B 257 27.03 -6.38 -7.31
C THR B 257 26.18 -7.31 -8.18
N ASP B 258 26.81 -8.28 -8.82
CA ASP B 258 26.08 -9.19 -9.70
C ASP B 258 25.07 -10.07 -8.97
N LYS B 259 25.33 -10.42 -7.71
CA LYS B 259 24.40 -11.25 -6.96
C LYS B 259 23.04 -10.56 -6.85
N ASP B 260 23.05 -9.22 -6.73
CA ASP B 260 21.81 -8.45 -6.61
C ASP B 260 20.99 -8.48 -7.90
N LEU B 261 21.66 -8.67 -9.04
CA LEU B 261 20.98 -8.73 -10.33
C LEU B 261 20.24 -10.06 -10.35
N ALA B 262 20.96 -11.13 -10.01
CA ALA B 262 20.38 -12.45 -10.00
C ALA B 262 19.23 -12.55 -8.99
N ALA B 263 19.27 -11.71 -7.95
CA ALA B 263 18.24 -11.75 -6.92
C ALA B 263 17.06 -10.79 -7.07
N THR B 264 17.20 -9.77 -7.91
CA THR B 264 16.11 -8.80 -8.05
C THR B 264 14.75 -9.43 -8.34
N ASN B 265 13.73 -8.94 -7.65
CA ASN B 265 12.36 -9.43 -7.78
C ASN B 265 11.45 -8.46 -8.55
N LEU B 266 12.04 -7.43 -9.13
CA LEU B 266 11.26 -6.43 -9.86
C LEU B 266 10.31 -6.96 -10.91
N SER B 267 10.71 -8.00 -11.62
CA SER B 267 9.85 -8.55 -12.67
C SER B 267 8.54 -9.08 -12.08
N TYR B 268 8.64 -9.85 -11.01
CA TYR B 268 7.45 -10.39 -10.35
C TYR B 268 6.69 -9.27 -9.64
N LEU B 269 7.41 -8.35 -9.00
CA LEU B 269 6.80 -7.24 -8.29
C LEU B 269 6.00 -6.32 -9.20
N LEU B 270 6.45 -6.16 -10.45
CA LEU B 270 5.77 -5.28 -11.38
C LEU B 270 4.77 -5.98 -12.29
N GLY B 271 4.48 -7.24 -11.99
CA GLY B 271 3.50 -7.97 -12.77
C GLY B 271 2.13 -7.65 -12.21
N ALA B 272 1.08 -7.77 -13.01
CA ALA B 272 -0.25 -7.48 -12.51
C ALA B 272 -0.59 -8.47 -11.40
N PRO B 273 -1.29 -8.01 -10.35
CA PRO B 273 -1.69 -8.83 -9.21
C PRO B 273 -2.43 -10.10 -9.61
N SER B 274 -2.34 -11.12 -8.76
CA SER B 274 -3.01 -12.40 -9.00
C SER B 274 -4.50 -12.20 -9.22
N ARG B 275 -5.07 -12.96 -10.14
CA ARG B 275 -6.50 -12.90 -10.44
C ARG B 275 -7.18 -14.20 -10.06
N MET B 276 -6.52 -14.98 -9.22
CA MET B 276 -7.06 -16.26 -8.76
C MET B 276 -7.17 -16.24 -7.24
N SER B 277 -8.32 -16.66 -6.73
CA SER B 277 -8.54 -16.69 -5.29
C SER B 277 -8.11 -18.03 -4.70
N ASP B 278 -8.48 -19.11 -5.38
CA ASP B 278 -8.13 -20.45 -4.91
C ASP B 278 -6.90 -21.01 -5.64
N LEU B 279 -5.86 -21.29 -4.87
CA LEU B 279 -4.62 -21.81 -5.42
C LEU B 279 -4.36 -23.23 -4.93
N SER B 280 -5.25 -23.73 -4.09
CA SER B 280 -5.11 -25.07 -3.50
C SER B 280 -4.96 -26.22 -4.48
N TRP B 281 -5.44 -26.05 -5.71
CA TRP B 281 -5.35 -27.12 -6.70
C TRP B 281 -4.08 -27.08 -7.56
N ILE B 282 -3.28 -26.03 -7.45
CA ILE B 282 -2.06 -25.92 -8.25
C ILE B 282 -0.96 -26.76 -7.60
N LYS B 283 -0.43 -27.72 -8.35
CA LYS B 283 0.61 -28.58 -7.82
C LYS B 283 1.94 -28.52 -8.59
N PRO B 284 2.95 -27.87 -8.00
CA PRO B 284 4.24 -27.79 -8.69
C PRO B 284 4.91 -29.15 -8.60
N GLY B 285 5.98 -29.36 -9.37
CA GLY B 285 6.65 -30.64 -9.33
C GLY B 285 7.55 -30.88 -10.52
N LYS B 286 7.96 -32.14 -10.68
CA LYS B 286 8.84 -32.51 -11.76
C LYS B 286 8.21 -33.47 -12.74
N VAL B 287 8.87 -33.63 -13.88
CA VAL B 287 8.41 -34.48 -14.97
C VAL B 287 9.44 -35.51 -15.42
N ALA B 288 9.01 -36.76 -15.56
CA ALA B 288 9.91 -37.80 -16.08
C ALA B 288 9.66 -37.54 -17.58
N TRP B 289 10.39 -36.59 -18.14
CA TRP B 289 10.18 -36.18 -19.52
C TRP B 289 10.50 -37.23 -20.60
N ASP B 290 9.73 -37.18 -21.68
CA ASP B 290 9.86 -38.11 -22.79
C ASP B 290 10.66 -37.61 -24.00
N TRP B 291 10.34 -36.40 -24.44
CA TRP B 291 10.92 -35.82 -25.64
C TRP B 291 12.43 -35.60 -25.77
N TRP B 292 13.06 -34.98 -24.77
CA TRP B 292 14.49 -34.73 -24.85
C TRP B 292 15.27 -36.01 -25.14
N ASN B 293 14.97 -37.07 -24.41
CA ASN B 293 15.67 -38.34 -24.57
C ASN B 293 15.12 -39.20 -25.70
N ASP B 294 14.20 -38.63 -26.47
CA ASP B 294 13.64 -39.32 -27.63
C ASP B 294 13.00 -40.69 -27.34
N TRP B 295 12.36 -40.83 -26.18
CA TRP B 295 11.69 -42.08 -25.81
C TRP B 295 12.66 -43.27 -25.87
N ASN B 296 13.94 -42.97 -25.97
CA ASN B 296 14.96 -44.01 -26.14
C ASN B 296 15.30 -44.90 -24.97
N LEU B 297 14.33 -45.62 -24.43
CA LEU B 297 14.58 -46.53 -23.30
C LEU B 297 15.31 -47.77 -23.80
N ASP B 298 16.03 -48.43 -22.91
CA ASP B 298 16.71 -49.67 -23.26
C ASP B 298 16.39 -50.65 -22.14
N GLY B 299 16.60 -51.94 -22.38
CA GLY B 299 16.32 -52.92 -21.36
C GLY B 299 14.85 -53.20 -21.14
N VAL B 300 14.03 -52.98 -22.17
CA VAL B 300 12.59 -53.26 -22.08
C VAL B 300 12.17 -54.23 -23.18
N ASP B 301 11.03 -54.88 -23.00
CA ASP B 301 10.58 -55.88 -23.97
C ASP B 301 9.59 -55.42 -25.04
N PHE B 302 9.47 -54.11 -25.22
CA PHE B 302 8.56 -53.56 -26.22
C PHE B 302 9.29 -52.47 -27.02
N VAL B 303 8.85 -52.24 -28.25
CA VAL B 303 9.45 -51.22 -29.10
C VAL B 303 9.01 -49.85 -28.56
N THR B 304 9.98 -49.00 -28.24
CA THR B 304 9.69 -47.67 -27.70
C THR B 304 9.22 -46.66 -28.73
N GLY B 305 8.46 -45.69 -28.26
CA GLY B 305 7.94 -44.64 -29.12
C GLY B 305 6.70 -44.05 -28.49
N VAL B 306 5.90 -43.36 -29.30
CA VAL B 306 4.67 -42.77 -28.79
C VAL B 306 3.61 -43.87 -28.76
N ASN B 307 3.65 -44.67 -27.71
CA ASN B 307 2.70 -45.78 -27.52
C ASN B 307 2.47 -46.03 -26.03
N ASN B 308 1.42 -46.78 -25.72
CA ASN B 308 1.06 -47.06 -24.33
C ASN B 308 2.12 -47.70 -23.45
N PRO B 309 2.76 -48.79 -23.91
CA PRO B 309 3.77 -49.39 -23.05
C PRO B 309 4.96 -48.46 -22.72
N THR B 310 5.28 -47.56 -23.65
CA THR B 310 6.38 -46.63 -23.40
C THR B 310 5.98 -45.64 -22.29
N TYR B 311 4.79 -45.05 -22.39
CA TYR B 311 4.36 -44.12 -21.36
C TYR B 311 4.07 -44.82 -20.04
N LYS B 312 3.72 -46.10 -20.10
CA LYS B 312 3.48 -46.84 -18.86
C LYS B 312 4.83 -46.91 -18.13
N ALA B 313 5.91 -47.10 -18.91
CA ALA B 313 7.26 -47.16 -18.35
C ALA B 313 7.65 -45.84 -17.70
N TYR B 314 7.45 -44.73 -18.40
CA TYR B 314 7.78 -43.43 -17.84
C TYR B 314 6.94 -43.17 -16.58
N ILE B 315 5.67 -43.53 -16.64
CA ILE B 315 4.77 -43.37 -15.50
C ILE B 315 5.25 -44.20 -14.31
N ASP B 316 5.61 -45.47 -14.54
CA ASP B 316 6.07 -46.32 -13.45
C ASP B 316 7.36 -45.78 -12.86
N PHE B 317 8.22 -45.25 -13.72
CA PHE B 317 9.47 -44.69 -13.27
C PHE B 317 9.20 -43.46 -12.38
N ALA B 318 8.30 -42.61 -12.83
CA ALA B 318 7.94 -41.41 -12.07
C ALA B 318 7.36 -41.79 -10.72
N SER B 319 6.41 -42.72 -10.73
CA SER B 319 5.76 -43.17 -9.51
C SER B 319 6.75 -43.69 -8.48
N ALA B 320 7.62 -44.61 -8.89
CA ALA B 320 8.60 -45.21 -7.99
C ALA B 320 9.58 -44.21 -7.38
N ASN B 321 9.71 -43.05 -8.02
CA ASN B 321 10.64 -42.03 -7.53
C ASN B 321 9.98 -40.79 -6.96
N GLY B 322 8.65 -40.79 -6.88
CA GLY B 322 7.94 -39.64 -6.33
C GLY B 322 7.84 -38.45 -7.26
N ILE B 323 8.13 -38.65 -8.54
CA ILE B 323 8.06 -37.59 -9.53
C ILE B 323 6.58 -37.39 -9.86
N GLU B 324 6.12 -36.15 -9.73
CA GLU B 324 4.72 -35.79 -9.94
C GLU B 324 4.07 -35.98 -11.29
N TYR B 325 4.80 -35.67 -12.35
CA TYR B 325 4.22 -35.72 -13.69
C TYR B 325 4.93 -36.48 -14.79
N VAL B 326 4.16 -36.67 -15.85
CA VAL B 326 4.61 -37.30 -17.08
C VAL B 326 3.92 -36.48 -18.18
N ILE B 327 4.73 -35.99 -19.12
CA ILE B 327 4.21 -35.22 -20.23
C ILE B 327 4.14 -36.12 -21.46
N LEU B 328 3.10 -35.93 -22.27
CA LEU B 328 3.02 -36.64 -23.53
C LEU B 328 3.37 -35.48 -24.44
N ASP B 329 4.62 -35.44 -24.89
CA ASP B 329 5.05 -34.35 -25.74
C ASP B 329 4.53 -34.49 -27.16
N GLU B 330 5.07 -33.72 -28.11
CA GLU B 330 4.56 -33.80 -29.48
C GLU B 330 4.60 -35.22 -30.04
N GLY B 331 3.45 -35.65 -30.57
CA GLY B 331 3.36 -36.97 -31.15
C GLY B 331 2.07 -37.72 -30.85
N TRP B 332 1.41 -37.40 -29.74
CA TRP B 332 0.19 -38.11 -29.39
C TRP B 332 -1.02 -37.75 -30.25
N ALA B 333 -0.99 -36.57 -30.86
CA ALA B 333 -2.10 -36.13 -31.71
C ALA B 333 -1.74 -36.31 -33.18
N VAL B 334 -2.71 -36.77 -33.98
CA VAL B 334 -2.46 -36.99 -35.41
C VAL B 334 -1.78 -35.79 -36.04
N ASN B 335 -0.61 -36.02 -36.64
CA ASN B 335 0.18 -34.98 -37.26
C ASN B 335 -0.51 -34.27 -38.43
N LEU B 336 -0.31 -32.96 -38.51
CA LEU B 336 -0.87 -32.10 -39.55
C LEU B 336 -2.34 -31.72 -39.40
N GLN B 337 -3.09 -32.47 -38.60
CA GLN B 337 -4.50 -32.16 -38.42
C GLN B 337 -4.73 -30.99 -37.47
N ALA B 338 -3.74 -30.70 -36.62
CA ALA B 338 -3.82 -29.61 -35.65
C ALA B 338 -5.14 -29.72 -34.89
N ASP B 339 -5.49 -30.95 -34.54
CA ASP B 339 -6.72 -31.27 -33.84
C ASP B 339 -6.38 -32.06 -32.57
N LEU B 340 -6.63 -31.46 -31.40
CA LEU B 340 -6.32 -32.13 -30.14
C LEU B 340 -7.28 -33.24 -29.76
N MET B 341 -8.29 -33.47 -30.60
CA MET B 341 -9.26 -34.53 -30.34
C MET B 341 -8.91 -35.75 -31.19
N GLN B 342 -7.84 -35.64 -31.98
CA GLN B 342 -7.39 -36.73 -32.85
C GLN B 342 -6.16 -37.40 -32.24
N VAL B 343 -6.37 -38.47 -31.48
CA VAL B 343 -5.27 -39.19 -30.84
C VAL B 343 -4.76 -40.31 -31.76
N VAL B 344 -3.44 -40.43 -31.91
CA VAL B 344 -2.87 -41.49 -32.75
C VAL B 344 -3.37 -42.82 -32.21
N LYS B 345 -3.57 -43.80 -33.08
CA LYS B 345 -4.10 -45.08 -32.64
C LYS B 345 -3.25 -45.87 -31.65
N GLU B 346 -1.98 -45.52 -31.51
CA GLU B 346 -1.11 -46.25 -30.58
C GLU B 346 -1.27 -45.76 -29.15
N ILE B 347 -2.04 -44.68 -28.97
CA ILE B 347 -2.25 -44.11 -27.65
C ILE B 347 -3.72 -44.16 -27.20
N ASP B 348 -3.92 -44.56 -25.94
CA ASP B 348 -5.26 -44.63 -25.34
C ASP B 348 -5.19 -43.65 -24.17
N LEU B 349 -5.53 -42.39 -24.43
CA LEU B 349 -5.46 -41.35 -23.40
C LEU B 349 -6.13 -41.64 -22.08
N LYS B 350 -7.43 -41.94 -22.10
CA LYS B 350 -8.16 -42.23 -20.87
C LYS B 350 -7.47 -43.32 -20.08
N GLU B 351 -7.09 -44.40 -20.75
CA GLU B 351 -6.42 -45.51 -20.08
C GLU B 351 -5.12 -45.02 -19.41
N LEU B 352 -4.33 -44.23 -20.13
CA LEU B 352 -3.08 -43.71 -19.60
C LEU B 352 -3.32 -42.79 -18.41
N VAL B 353 -4.26 -41.86 -18.54
CA VAL B 353 -4.56 -40.94 -17.45
C VAL B 353 -4.98 -41.70 -16.19
N ASP B 354 -5.92 -42.64 -16.34
CA ASP B 354 -6.38 -43.42 -15.20
C ASP B 354 -5.25 -44.25 -14.59
N TYR B 355 -4.41 -44.82 -15.44
CA TYR B 355 -3.29 -45.63 -14.97
C TYR B 355 -2.35 -44.76 -14.15
N ALA B 356 -1.99 -43.60 -14.69
CA ALA B 356 -1.10 -42.68 -14.00
C ALA B 356 -1.69 -42.28 -12.66
N ALA B 357 -3.00 -42.01 -12.64
CA ALA B 357 -3.65 -41.61 -11.39
C ALA B 357 -3.52 -42.70 -10.32
N SER B 358 -3.68 -43.96 -10.71
CA SER B 358 -3.57 -45.06 -9.75
C SER B 358 -2.14 -45.20 -9.25
N LYS B 359 -1.21 -44.50 -9.90
CA LYS B 359 0.20 -44.53 -9.53
C LYS B 359 0.60 -43.18 -8.96
N ASN B 360 -0.38 -42.32 -8.73
CA ASN B 360 -0.16 -40.99 -8.18
C ASN B 360 0.70 -40.11 -9.09
N VAL B 361 0.48 -40.20 -10.39
CA VAL B 361 1.21 -39.39 -11.35
C VAL B 361 0.21 -38.61 -12.19
N GLY B 362 0.50 -37.33 -12.42
CA GLY B 362 -0.39 -36.51 -13.22
C GLY B 362 0.07 -36.48 -14.67
N ILE B 363 -0.87 -36.28 -15.60
CA ILE B 363 -0.57 -36.22 -17.02
C ILE B 363 -0.68 -34.79 -17.58
N ILE B 364 0.34 -34.37 -18.33
CA ILE B 364 0.36 -33.06 -18.95
C ILE B 364 0.47 -33.28 -20.45
N LEU B 365 -0.40 -32.64 -21.23
CA LEU B 365 -0.39 -32.82 -22.68
C LEU B 365 0.24 -31.63 -23.45
N TRP B 366 1.10 -31.94 -24.40
CA TRP B 366 1.75 -30.93 -25.24
C TRP B 366 0.78 -30.63 -26.37
N ALA B 367 0.76 -29.37 -26.82
CA ALA B 367 -0.10 -28.99 -27.94
C ALA B 367 0.50 -27.81 -28.69
N GLY B 368 0.43 -27.87 -30.01
CA GLY B 368 0.95 -26.77 -30.82
C GLY B 368 -0.04 -25.63 -30.69
N TYR B 369 0.45 -24.41 -30.79
CA TYR B 369 -0.39 -23.22 -30.66
C TYR B 369 -1.77 -23.29 -31.35
N HIS B 370 -1.79 -23.42 -32.66
CA HIS B 370 -3.06 -23.45 -33.39
C HIS B 370 -4.07 -24.51 -32.94
N ALA B 371 -3.59 -25.71 -32.62
CA ALA B 371 -4.48 -26.78 -32.18
C ALA B 371 -5.17 -26.46 -30.84
N PHE B 372 -4.45 -25.77 -29.97
CA PHE B 372 -4.96 -25.41 -28.66
C PHE B 372 -5.90 -24.21 -28.66
N GLU B 373 -5.49 -23.11 -29.30
CA GLU B 373 -6.33 -21.92 -29.30
C GLU B 373 -7.55 -21.95 -30.21
N ARG B 374 -7.52 -22.75 -31.27
CA ARG B 374 -8.65 -22.82 -32.19
C ARG B 374 -9.93 -23.35 -31.54
N ASP B 375 -9.81 -23.99 -30.38
CA ASP B 375 -10.97 -24.57 -29.68
C ASP B 375 -10.63 -24.70 -28.20
N MET B 376 -9.94 -23.68 -27.70
CA MET B 376 -9.45 -23.62 -26.32
C MET B 376 -10.36 -24.09 -25.19
N GLU B 377 -11.54 -23.47 -25.03
CA GLU B 377 -12.43 -23.85 -23.94
C GLU B 377 -12.88 -25.30 -24.01
N ASN B 378 -13.31 -25.74 -25.18
CA ASN B 378 -13.76 -27.11 -25.36
C ASN B 378 -12.61 -28.08 -25.00
N VAL B 379 -11.41 -27.77 -25.46
CA VAL B 379 -10.24 -28.61 -25.19
C VAL B 379 -9.95 -28.72 -23.69
N CYS B 380 -9.87 -27.58 -23.02
CA CYS B 380 -9.59 -27.58 -21.59
C CYS B 380 -10.65 -28.32 -20.81
N ARG B 381 -11.92 -28.07 -21.13
CA ARG B 381 -13.02 -28.73 -20.45
C ARG B 381 -12.93 -30.23 -20.68
N HIS B 382 -12.83 -30.63 -21.94
CA HIS B 382 -12.76 -32.03 -22.33
C HIS B 382 -11.67 -32.78 -21.56
N TYR B 383 -10.45 -32.29 -21.61
CA TYR B 383 -9.36 -32.97 -20.93
C TYR B 383 -9.32 -32.82 -19.42
N ALA B 384 -9.85 -31.71 -18.92
CA ALA B 384 -9.90 -31.52 -17.47
C ALA B 384 -10.84 -32.59 -16.92
N GLU B 385 -11.93 -32.85 -17.64
CA GLU B 385 -12.90 -33.85 -17.20
C GLU B 385 -12.31 -35.24 -17.28
N MET B 386 -11.42 -35.46 -18.25
CA MET B 386 -10.77 -36.76 -18.42
C MET B 386 -9.79 -37.03 -17.29
N GLY B 387 -9.27 -35.96 -16.68
CA GLY B 387 -8.32 -36.14 -15.60
C GLY B 387 -6.96 -35.51 -15.83
N VAL B 388 -6.74 -35.01 -17.04
CA VAL B 388 -5.48 -34.37 -17.40
C VAL B 388 -5.24 -33.18 -16.48
N LYS B 389 -4.01 -33.02 -16.01
CA LYS B 389 -3.68 -31.94 -15.09
C LYS B 389 -3.22 -30.60 -15.70
N GLY B 390 -2.86 -30.59 -16.97
CA GLY B 390 -2.41 -29.34 -17.58
C GLY B 390 -1.92 -29.46 -19.00
N PHE B 391 -1.49 -28.33 -19.56
CA PHE B 391 -0.98 -28.28 -20.93
C PHE B 391 0.36 -27.59 -21.10
N LYS B 392 1.08 -28.03 -22.12
CA LYS B 392 2.36 -27.44 -22.47
C LYS B 392 2.09 -26.92 -23.89
N VAL B 393 1.82 -25.62 -24.02
CA VAL B 393 1.52 -25.01 -25.31
C VAL B 393 2.80 -24.47 -25.94
N ASP B 394 3.05 -24.89 -27.17
CA ASP B 394 4.27 -24.58 -27.89
C ASP B 394 4.10 -23.96 -29.27
N PHE B 395 5.23 -23.47 -29.79
CA PHE B 395 5.35 -22.87 -31.11
C PHE B 395 4.54 -21.62 -31.46
N MET B 396 4.39 -20.72 -30.51
CA MET B 396 3.68 -19.47 -30.78
C MET B 396 4.61 -18.63 -31.66
N ASP B 397 5.89 -18.58 -31.28
CA ASP B 397 6.92 -17.83 -32.01
C ASP B 397 6.51 -16.43 -32.43
N ARG B 398 5.74 -15.75 -31.57
CA ARG B 398 5.27 -14.41 -31.86
C ARG B 398 5.06 -13.64 -30.57
N ASP B 399 5.20 -12.31 -30.63
CA ASP B 399 4.96 -11.49 -29.46
C ASP B 399 4.26 -10.18 -29.83
N ASP B 400 3.48 -10.24 -30.91
CA ASP B 400 2.68 -9.10 -31.34
C ASP B 400 1.53 -9.06 -30.34
N GLN B 401 0.73 -8.00 -30.36
CA GLN B 401 -0.36 -7.87 -29.41
C GLN B 401 -1.30 -9.08 -29.29
N GLU B 402 -1.62 -9.72 -30.41
CA GLU B 402 -2.52 -10.86 -30.37
C GLU B 402 -1.95 -12.06 -29.62
N MET B 403 -0.66 -12.32 -29.79
CA MET B 403 -0.06 -13.47 -29.11
C MET B 403 0.12 -13.20 -27.61
N THR B 404 0.40 -11.96 -27.22
CA THR B 404 0.58 -11.68 -25.80
C THR B 404 -0.79 -11.72 -25.14
N ALA B 405 -1.83 -11.40 -25.90
CA ALA B 405 -3.18 -11.46 -25.38
C ALA B 405 -3.49 -12.95 -25.19
N PHE B 406 -3.04 -13.77 -26.14
CA PHE B 406 -3.26 -15.22 -26.06
C PHE B 406 -2.66 -15.81 -24.79
N ASN B 407 -1.44 -15.40 -24.42
CA ASN B 407 -0.81 -15.92 -23.22
C ASN B 407 -1.72 -15.82 -22.00
N TYR B 408 -2.32 -14.65 -21.81
CA TYR B 408 -3.20 -14.43 -20.66
C TYR B 408 -4.54 -15.15 -20.83
N ARG B 409 -5.04 -15.21 -22.06
CA ARG B 409 -6.32 -15.89 -22.31
C ARG B 409 -6.17 -17.39 -22.02
N ALA B 410 -5.06 -17.97 -22.48
CA ALA B 410 -4.79 -19.39 -22.26
C ALA B 410 -4.61 -19.67 -20.76
N ALA B 411 -3.90 -18.78 -20.08
CA ALA B 411 -3.67 -18.94 -18.64
C ALA B 411 -5.01 -18.96 -17.91
N GLU B 412 -5.86 -17.98 -18.23
CA GLU B 412 -7.18 -17.85 -17.61
C GLU B 412 -8.08 -19.04 -17.89
N MET B 413 -8.05 -19.56 -19.12
CA MET B 413 -8.89 -20.70 -19.47
C MET B 413 -8.40 -21.96 -18.77
N CYS B 414 -7.09 -22.09 -18.62
CA CYS B 414 -6.55 -23.25 -17.92
C CYS B 414 -6.93 -23.14 -16.44
N ALA B 415 -6.86 -21.92 -15.90
CA ALA B 415 -7.18 -21.70 -14.49
C ALA B 415 -8.65 -22.03 -14.22
N LYS B 416 -9.51 -21.69 -15.17
CA LYS B 416 -10.94 -21.97 -15.02
C LYS B 416 -11.22 -23.45 -14.85
N TYR B 417 -10.46 -24.29 -15.56
CA TYR B 417 -10.68 -25.73 -15.46
C TYR B 417 -9.65 -26.46 -14.60
N LYS B 418 -8.99 -25.71 -13.72
CA LYS B 418 -8.00 -26.26 -12.81
C LYS B 418 -6.87 -27.02 -13.51
N LEU B 419 -6.32 -26.38 -14.55
CA LEU B 419 -5.21 -26.93 -15.33
C LEU B 419 -3.97 -26.04 -15.19
N ILE B 420 -2.80 -26.65 -15.07
CA ILE B 420 -1.58 -25.84 -15.01
C ILE B 420 -1.11 -25.62 -16.44
N LEU B 421 -0.21 -24.68 -16.65
CA LEU B 421 0.26 -24.36 -17.99
C LEU B 421 1.76 -24.11 -18.08
N ASP B 422 2.34 -24.62 -19.16
CA ASP B 422 3.77 -24.46 -19.45
C ASP B 422 3.83 -23.91 -20.87
N LEU B 423 4.36 -22.69 -21.01
CA LEU B 423 4.44 -22.05 -22.32
C LEU B 423 5.81 -22.18 -22.99
N HIS B 424 5.83 -22.71 -24.21
CA HIS B 424 7.06 -22.87 -24.97
C HIS B 424 6.98 -22.13 -26.30
N GLY B 425 8.11 -21.96 -26.97
CA GLY B 425 8.11 -21.23 -28.24
C GLY B 425 7.52 -19.88 -27.90
N THR B 426 8.01 -19.31 -26.80
CA THR B 426 7.53 -18.03 -26.32
C THR B 426 8.67 -17.16 -25.79
N HIS B 427 8.33 -15.95 -25.37
CA HIS B 427 9.29 -14.96 -24.86
C HIS B 427 9.38 -14.99 -23.33
N LYS B 428 10.14 -14.06 -22.76
CA LYS B 428 10.31 -14.00 -21.32
C LYS B 428 8.94 -13.85 -20.63
N PRO B 429 8.76 -14.52 -19.47
CA PRO B 429 7.49 -14.49 -18.71
C PRO B 429 6.91 -13.10 -18.44
N ALA B 430 7.76 -12.14 -18.04
CA ALA B 430 7.33 -10.77 -17.80
C ALA B 430 6.10 -10.59 -16.91
N GLY B 431 6.06 -11.30 -15.79
CA GLY B 431 4.96 -11.15 -14.84
C GLY B 431 3.74 -12.03 -14.93
N LEU B 432 3.60 -12.82 -15.99
CA LEU B 432 2.43 -13.67 -16.10
C LEU B 432 2.28 -14.68 -14.95
N ASN B 433 3.38 -15.17 -14.41
CA ASN B 433 3.29 -16.14 -13.31
C ASN B 433 2.73 -15.55 -12.02
N ARG B 434 2.73 -14.23 -11.89
CA ARG B 434 2.15 -13.64 -10.69
C ARG B 434 0.65 -13.52 -10.92
N THR B 435 0.28 -12.97 -12.07
CA THR B 435 -1.13 -12.77 -12.42
C THR B 435 -1.90 -14.08 -12.48
N TYR B 436 -1.28 -15.10 -13.06
CA TYR B 436 -1.90 -16.42 -13.15
C TYR B 436 -0.88 -17.44 -12.68
N PRO B 437 -0.84 -17.69 -11.36
CA PRO B 437 0.08 -18.65 -10.74
C PRO B 437 0.06 -20.07 -11.27
N ASN B 438 -0.96 -20.43 -12.04
CA ASN B 438 -1.03 -21.77 -12.60
C ASN B 438 -0.09 -21.93 -13.82
N VAL B 439 0.49 -20.83 -14.29
CA VAL B 439 1.43 -20.92 -15.40
C VAL B 439 2.75 -21.17 -14.68
N LEU B 440 3.10 -22.44 -14.50
CA LEU B 440 4.29 -22.82 -13.75
C LEU B 440 5.66 -22.68 -14.42
N ASN B 441 5.68 -22.45 -15.73
CA ASN B 441 6.96 -22.24 -16.39
C ASN B 441 6.85 -21.65 -17.78
N PHE B 442 7.98 -21.17 -18.28
CA PHE B 442 8.07 -20.53 -19.58
C PHE B 442 9.41 -20.87 -20.20
N GLU B 443 9.46 -20.96 -21.52
CA GLU B 443 10.71 -21.24 -22.20
C GLU B 443 11.40 -19.90 -22.51
N GLY B 444 11.51 -19.54 -23.79
CA GLY B 444 12.18 -18.29 -24.10
C GLY B 444 13.58 -18.36 -23.50
N VAL B 445 14.20 -19.52 -23.67
CA VAL B 445 15.53 -19.80 -23.17
C VAL B 445 16.15 -20.83 -24.10
N ASN B 446 17.45 -20.70 -24.37
CA ASN B 446 18.17 -21.63 -25.22
C ASN B 446 18.53 -22.86 -24.37
N GLY B 447 17.51 -23.64 -24.02
CA GLY B 447 17.68 -24.80 -23.16
C GLY B 447 18.47 -26.00 -23.65
N LEU B 448 18.49 -27.04 -22.82
CA LEU B 448 19.25 -28.25 -23.12
C LEU B 448 18.75 -28.99 -24.36
N GLU B 449 17.57 -28.62 -24.86
CA GLU B 449 17.08 -29.26 -26.06
C GLU B 449 18.06 -28.93 -27.20
N GLN B 450 18.77 -27.81 -27.04
CA GLN B 450 19.75 -27.35 -28.03
C GLN B 450 20.89 -28.35 -28.24
N MET B 451 21.13 -29.20 -27.25
CA MET B 451 22.19 -30.20 -27.33
C MET B 451 21.83 -31.36 -28.24
N LYS B 452 20.61 -31.36 -28.79
CA LYS B 452 20.19 -32.43 -29.69
C LYS B 452 20.62 -32.14 -31.13
N TRP B 453 21.04 -30.92 -31.41
CA TRP B 453 21.41 -30.58 -32.77
C TRP B 453 22.48 -29.50 -32.94
N SER B 454 22.82 -28.79 -31.87
CA SER B 454 23.81 -27.72 -31.96
C SER B 454 25.24 -28.18 -32.17
N SER B 455 26.00 -27.39 -32.93
CA SER B 455 27.39 -27.75 -33.17
C SER B 455 28.17 -27.36 -31.91
N PRO B 456 29.38 -27.92 -31.74
CA PRO B 456 30.23 -27.64 -30.58
C PRO B 456 30.50 -26.16 -30.34
N SER B 457 30.24 -25.33 -31.33
CA SER B 457 30.49 -23.90 -31.17
C SER B 457 29.48 -23.26 -30.20
N VAL B 458 28.34 -23.93 -30.00
CA VAL B 458 27.34 -23.41 -29.07
C VAL B 458 27.85 -23.76 -27.68
N ASP B 459 28.17 -22.72 -26.91
CA ASP B 459 28.73 -22.89 -25.57
C ASP B 459 27.65 -22.93 -24.50
N GLN B 460 27.14 -24.13 -24.23
CA GLN B 460 26.08 -24.30 -23.24
C GLN B 460 26.58 -23.95 -21.83
N VAL B 461 27.80 -24.35 -21.50
CA VAL B 461 28.37 -24.06 -20.18
C VAL B 461 28.38 -22.56 -19.90
N LYS B 462 28.79 -21.77 -20.88
CA LYS B 462 28.83 -20.32 -20.73
C LYS B 462 27.41 -19.76 -20.58
N TYR B 463 26.49 -20.26 -21.38
CA TYR B 463 25.11 -19.80 -21.33
C TYR B 463 24.51 -20.01 -19.93
N ASP B 464 24.83 -21.14 -19.30
CA ASP B 464 24.33 -21.46 -17.96
C ASP B 464 24.69 -20.40 -16.90
N VAL B 465 25.88 -19.84 -16.98
CA VAL B 465 26.30 -18.83 -16.01
C VAL B 465 25.87 -17.43 -16.42
N MET B 466 25.16 -17.32 -17.54
CA MET B 466 24.70 -16.01 -17.99
C MET B 466 23.22 -15.81 -17.67
N ILE B 467 22.40 -16.80 -18.00
CA ILE B 467 20.96 -16.67 -17.76
C ILE B 467 20.47 -16.39 -16.34
N PRO B 468 21.25 -16.77 -15.31
CA PRO B 468 20.77 -16.48 -13.95
C PRO B 468 20.78 -14.97 -13.70
N PHE B 469 21.55 -14.23 -14.50
CA PHE B 469 21.63 -12.79 -14.34
C PHE B 469 20.88 -12.05 -15.44
N ILE B 470 20.33 -12.77 -16.40
CA ILE B 470 19.63 -12.11 -17.49
C ILE B 470 18.23 -12.66 -17.74
N ARG B 471 18.12 -13.75 -18.49
CA ARG B 471 16.80 -14.32 -18.78
C ARG B 471 15.99 -14.61 -17.51
N GLN B 472 16.61 -15.27 -16.54
CA GLN B 472 15.90 -15.60 -15.31
C GLN B 472 15.40 -14.38 -14.54
N VAL B 473 16.01 -13.22 -14.79
CA VAL B 473 15.57 -12.00 -14.12
C VAL B 473 14.09 -11.73 -14.42
N SER B 474 13.63 -12.20 -15.58
CA SER B 474 12.24 -12.00 -15.98
C SER B 474 11.28 -12.98 -15.31
N GLY B 475 11.78 -14.16 -14.93
CA GLY B 475 10.93 -15.15 -14.29
C GLY B 475 11.43 -16.56 -14.51
N PRO B 476 10.70 -17.58 -14.04
CA PRO B 476 11.03 -19.01 -14.16
C PRO B 476 11.42 -19.44 -15.58
N MET B 477 12.26 -20.47 -15.67
CA MET B 477 12.70 -20.99 -16.97
C MET B 477 12.51 -22.49 -17.07
N ASP B 478 12.01 -22.95 -18.21
CA ASP B 478 11.84 -24.38 -18.45
C ASP B 478 13.04 -24.71 -19.34
N TYR B 479 14.21 -24.82 -18.71
CA TYR B 479 15.47 -25.10 -19.38
C TYR B 479 15.67 -26.59 -19.70
N THR B 480 14.97 -27.44 -18.93
CA THR B 480 14.99 -28.89 -19.05
C THR B 480 16.37 -29.55 -18.93
N GLN B 481 16.94 -29.47 -17.74
CA GLN B 481 18.24 -30.07 -17.48
C GLN B 481 18.05 -31.49 -16.93
N GLY B 482 19.13 -32.11 -16.47
CA GLY B 482 19.05 -33.46 -15.91
C GLY B 482 19.77 -34.55 -16.68
N ALA B 483 20.68 -34.16 -17.56
CA ALA B 483 21.42 -35.14 -18.37
C ALA B 483 22.39 -35.98 -17.54
N MET B 484 22.39 -37.29 -17.76
CA MET B 484 23.29 -38.18 -17.06
C MET B 484 24.55 -38.39 -17.91
N ARG B 485 24.44 -38.07 -19.21
CA ARG B 485 25.56 -38.18 -20.14
C ARG B 485 26.20 -36.78 -20.13
N ASN B 486 27.42 -36.69 -19.61
CA ASN B 486 28.11 -35.41 -19.47
C ASN B 486 29.43 -35.31 -20.24
N ALA B 487 29.56 -34.27 -21.05
CA ALA B 487 30.76 -34.12 -21.86
C ALA B 487 31.70 -33.01 -21.41
N SER B 488 32.90 -33.38 -20.98
CA SER B 488 33.88 -32.37 -20.57
C SER B 488 34.28 -31.61 -21.83
N LYS B 489 35.08 -30.56 -21.68
CA LYS B 489 35.46 -29.74 -22.81
C LYS B 489 36.04 -30.50 -24.00
N GLY B 490 35.38 -30.33 -25.16
CA GLY B 490 35.85 -30.98 -26.37
C GLY B 490 35.21 -32.32 -26.67
N ASN B 491 34.48 -32.87 -25.70
CA ASN B 491 33.83 -34.16 -25.90
C ASN B 491 32.38 -34.09 -26.33
N TYR B 492 31.83 -32.88 -26.40
CA TYR B 492 30.46 -32.71 -26.81
C TYR B 492 30.24 -32.81 -28.30
N TYR B 493 29.12 -33.40 -28.69
CA TYR B 493 28.72 -33.50 -30.08
C TYR B 493 27.21 -33.68 -30.06
N PRO B 494 26.51 -33.08 -31.03
CA PRO B 494 25.06 -33.21 -31.07
C PRO B 494 24.61 -34.63 -31.39
N CYS B 495 23.77 -35.18 -30.54
CA CYS B 495 23.23 -36.51 -30.74
C CYS B 495 21.75 -36.39 -30.41
N TYR B 496 20.93 -36.44 -31.46
CA TYR B 496 19.50 -36.30 -31.33
C TYR B 496 18.79 -37.32 -30.44
N SER B 497 19.05 -38.60 -30.66
CA SER B 497 18.40 -39.64 -29.86
C SER B 497 19.13 -40.06 -28.58
N GLU B 498 20.35 -39.57 -28.39
CA GLU B 498 21.13 -39.87 -27.19
C GLU B 498 21.97 -38.64 -26.82
N PRO B 499 21.30 -37.50 -26.57
CA PRO B 499 21.99 -36.24 -26.21
C PRO B 499 22.77 -36.23 -24.90
N MET B 500 23.61 -35.21 -24.76
CA MET B 500 24.43 -35.01 -23.59
C MET B 500 24.47 -33.53 -23.26
N SER B 501 24.90 -33.22 -22.04
CA SER B 501 25.04 -31.83 -21.62
C SER B 501 26.54 -31.54 -21.73
N GLN B 502 26.91 -30.27 -21.67
CA GLN B 502 28.32 -29.90 -21.71
C GLN B 502 28.71 -29.70 -20.25
N GLY B 503 29.91 -30.11 -19.88
CA GLY B 503 30.31 -29.94 -18.49
C GLY B 503 30.18 -31.20 -17.67
N THR B 504 29.97 -31.06 -16.36
CA THR B 504 29.90 -32.22 -15.47
C THR B 504 28.52 -32.63 -14.97
N ARG B 505 28.50 -33.77 -14.29
CA ARG B 505 27.28 -34.31 -13.73
C ARG B 505 26.75 -33.37 -12.65
N CYS B 506 27.66 -32.87 -11.83
CA CYS B 506 27.27 -31.97 -10.75
C CYS B 506 26.69 -30.65 -11.24
N ARG B 507 27.06 -30.24 -12.45
CA ARG B 507 26.51 -29.02 -13.00
C ARG B 507 25.00 -29.22 -13.14
N GLN B 508 24.62 -30.36 -13.71
CA GLN B 508 23.22 -30.70 -13.90
C GLN B 508 22.46 -30.72 -12.57
N LEU B 509 23.02 -31.39 -11.56
CA LEU B 509 22.36 -31.45 -10.26
C LEU B 509 22.24 -30.03 -9.68
N ALA B 510 23.31 -29.26 -9.82
CA ALA B 510 23.33 -27.89 -9.32
C ALA B 510 22.25 -27.01 -9.94
N LEU B 511 21.95 -27.23 -11.22
CA LEU B 511 20.95 -26.41 -11.88
C LEU B 511 19.56 -26.49 -11.23
N TYR B 512 19.27 -27.57 -10.52
CA TYR B 512 17.98 -27.69 -9.87
C TYR B 512 17.85 -26.70 -8.72
N VAL B 513 18.95 -26.07 -8.36
CA VAL B 513 18.93 -25.06 -7.30
C VAL B 513 19.17 -23.69 -7.95
N VAL B 514 20.13 -23.63 -8.86
CA VAL B 514 20.46 -22.38 -9.54
C VAL B 514 19.34 -21.86 -10.45
N PHE B 515 18.69 -22.75 -11.19
CA PHE B 515 17.60 -22.34 -12.07
C PHE B 515 16.26 -22.47 -11.34
N GLU B 516 15.36 -21.52 -11.59
CA GLU B 516 14.05 -21.55 -10.97
C GLU B 516 13.07 -22.13 -11.98
N SER B 517 12.44 -23.24 -11.60
CA SER B 517 11.52 -23.94 -12.48
C SER B 517 10.43 -24.66 -11.68
N PRO B 518 9.34 -23.97 -11.36
CA PRO B 518 8.24 -24.58 -10.59
C PRO B 518 7.76 -25.90 -11.19
N PHE B 519 7.78 -26.00 -12.52
CA PHE B 519 7.41 -27.21 -13.27
C PHE B 519 8.77 -27.56 -13.90
N ASN B 520 9.44 -28.56 -13.33
CA ASN B 520 10.79 -28.95 -13.73
C ASN B 520 10.94 -30.34 -14.38
N MET B 521 11.82 -30.43 -15.38
CA MET B 521 12.03 -31.70 -16.08
C MET B 521 13.20 -32.57 -15.59
N LEU B 522 13.06 -33.86 -15.83
CA LEU B 522 14.13 -34.82 -15.63
C LEU B 522 14.19 -35.16 -17.12
N CYS B 523 15.14 -34.55 -17.82
CA CYS B 523 15.27 -34.72 -19.27
C CYS B 523 15.71 -36.07 -19.81
N ASP B 524 16.52 -36.80 -19.04
CA ASP B 524 17.02 -38.08 -19.52
C ASP B 524 16.05 -39.25 -19.44
N THR B 525 16.44 -40.37 -20.04
CA THR B 525 15.60 -41.57 -20.03
C THR B 525 15.57 -42.20 -18.65
N PRO B 526 14.46 -42.85 -18.31
CA PRO B 526 14.36 -43.50 -17.01
C PRO B 526 15.48 -44.53 -16.89
N SER B 527 15.89 -45.09 -18.02
CA SER B 527 16.95 -46.09 -18.04
C SER B 527 18.25 -45.54 -17.47
N ASN B 528 18.65 -44.36 -17.93
CA ASN B 528 19.87 -43.74 -17.47
C ASN B 528 19.72 -43.35 -15.99
N TYR B 529 18.54 -42.90 -15.60
CA TYR B 529 18.35 -42.52 -14.22
C TYR B 529 18.46 -43.74 -13.31
N MET B 530 18.01 -44.89 -13.78
CA MET B 530 18.08 -46.09 -12.96
C MET B 530 19.52 -46.60 -12.88
N ARG B 531 20.35 -46.17 -13.82
CA ARG B 531 21.76 -46.55 -13.79
C ARG B 531 22.52 -45.58 -12.87
N GLU B 532 21.83 -44.53 -12.40
CA GLU B 532 22.43 -43.53 -11.53
C GLU B 532 21.58 -43.28 -10.28
N PRO B 533 21.48 -44.27 -9.38
CA PRO B 533 20.69 -44.17 -8.15
C PRO B 533 20.92 -42.91 -7.30
N GLU B 534 22.18 -42.57 -7.09
CA GLU B 534 22.51 -41.41 -6.27
C GLU B 534 22.06 -40.07 -6.86
N SER B 535 22.38 -39.83 -8.13
CA SER B 535 21.99 -38.59 -8.79
C SER B 535 20.47 -38.48 -8.86
N THR B 536 19.82 -39.59 -9.20
CA THR B 536 18.36 -39.62 -9.32
C THR B 536 17.66 -39.34 -7.99
N ALA B 537 18.15 -39.95 -6.92
CA ALA B 537 17.53 -39.73 -5.61
C ALA B 537 17.66 -38.26 -5.21
N PHE B 538 18.78 -37.64 -5.55
CA PHE B 538 18.96 -36.23 -5.21
C PHE B 538 17.99 -35.32 -5.97
N ILE B 539 17.86 -35.55 -7.27
CA ILE B 539 16.97 -34.76 -8.11
C ILE B 539 15.50 -34.97 -7.77
N ALA B 540 15.12 -36.21 -7.51
CA ALA B 540 13.73 -36.53 -7.20
C ALA B 540 13.16 -35.86 -5.95
N GLU B 541 13.99 -35.66 -4.92
CA GLU B 541 13.47 -35.04 -3.71
C GLU B 541 13.61 -33.52 -3.59
N ILE B 542 14.48 -32.91 -4.38
CA ILE B 542 14.65 -31.46 -4.27
C ILE B 542 13.37 -30.74 -4.71
N PRO B 543 12.91 -29.76 -3.92
CA PRO B 543 11.70 -29.04 -4.32
C PRO B 543 11.90 -28.14 -5.54
N THR B 544 10.81 -27.69 -6.13
CA THR B 544 10.86 -26.81 -7.30
C THR B 544 10.31 -25.45 -6.92
N VAL B 545 9.86 -25.34 -5.68
CA VAL B 545 9.26 -24.10 -5.17
C VAL B 545 9.87 -23.83 -3.80
N TRP B 546 10.11 -22.55 -3.48
CA TRP B 546 10.78 -22.23 -2.23
C TRP B 546 10.18 -21.19 -1.30
N ASP B 547 10.61 -21.27 -0.04
CA ASP B 547 10.17 -20.35 1.00
C ASP B 547 11.16 -19.21 1.16
N GLU B 548 12.41 -19.45 0.78
CA GLU B 548 13.46 -18.44 0.91
C GLU B 548 14.61 -18.73 -0.06
N SER B 549 15.17 -17.68 -0.66
CA SER B 549 16.27 -17.82 -1.60
C SER B 549 17.34 -16.75 -1.40
N ILE B 550 18.60 -17.17 -1.35
CA ILE B 550 19.70 -16.23 -1.15
C ILE B 550 20.80 -16.48 -2.16
N VAL B 551 21.10 -15.48 -2.99
CA VAL B 551 22.19 -15.65 -3.94
C VAL B 551 23.42 -15.28 -3.11
N LEU B 552 24.22 -16.28 -2.75
CA LEU B 552 25.41 -16.05 -1.93
C LEU B 552 26.50 -15.24 -2.61
N ASP B 553 26.71 -15.49 -3.90
CA ASP B 553 27.74 -14.79 -4.63
C ASP B 553 27.60 -15.12 -6.11
N GLY B 554 28.22 -14.30 -6.95
CA GLY B 554 28.13 -14.53 -8.37
C GLY B 554 28.77 -13.43 -9.19
N LYS B 555 29.22 -13.82 -10.38
CA LYS B 555 29.86 -12.92 -11.34
C LYS B 555 29.25 -13.34 -12.68
N MET B 556 28.55 -12.41 -13.32
CA MET B 556 27.89 -12.71 -14.59
C MET B 556 28.78 -13.40 -15.63
N GLY B 557 28.33 -14.56 -16.08
CA GLY B 557 29.07 -15.32 -17.07
C GLY B 557 30.29 -16.03 -16.53
N GLU B 558 30.41 -16.12 -15.21
CA GLU B 558 31.55 -16.79 -14.61
C GLU B 558 31.19 -17.83 -13.56
N TYR B 559 30.26 -17.47 -12.67
CA TYR B 559 29.84 -18.41 -11.64
C TYR B 559 28.74 -17.83 -10.78
N ILE B 560 28.09 -18.70 -10.03
CA ILE B 560 27.03 -18.28 -9.12
C ILE B 560 26.80 -19.39 -8.11
N VAL B 561 26.51 -19.00 -6.88
CA VAL B 561 26.25 -19.94 -5.80
C VAL B 561 24.97 -19.44 -5.15
N THR B 562 23.96 -20.31 -5.12
CA THR B 562 22.66 -19.94 -4.56
C THR B 562 22.18 -20.93 -3.52
N ALA B 563 21.56 -20.42 -2.48
CA ALA B 563 21.03 -21.24 -1.40
C ALA B 563 19.53 -20.98 -1.32
N ARG B 564 18.76 -22.04 -1.14
CA ARG B 564 17.31 -21.92 -1.04
C ARG B 564 16.79 -22.83 0.06
N ARG B 565 15.67 -22.45 0.66
CA ARG B 565 15.07 -23.21 1.74
C ARG B 565 13.62 -23.53 1.48
N LYS B 566 13.24 -24.74 1.85
CA LYS B 566 11.86 -25.22 1.74
C LYS B 566 11.63 -25.88 3.09
N GLY B 567 10.72 -25.31 3.88
CA GLY B 567 10.46 -25.87 5.21
C GLY B 567 11.72 -25.79 6.06
N ASP B 568 12.26 -26.95 6.44
CA ASP B 568 13.44 -26.99 7.27
C ASP B 568 14.70 -27.45 6.53
N VAL B 569 14.55 -27.77 5.25
CA VAL B 569 15.68 -28.23 4.45
C VAL B 569 16.27 -27.13 3.57
N TRP B 570 17.59 -27.05 3.56
CA TRP B 570 18.29 -26.08 2.74
C TRP B 570 19.00 -26.81 1.60
N TYR B 571 19.16 -26.11 0.48
CA TYR B 571 19.83 -26.65 -0.68
C TYR B 571 20.72 -25.55 -1.22
N VAL B 572 21.93 -25.91 -1.61
CA VAL B 572 22.86 -24.95 -2.17
C VAL B 572 23.33 -25.53 -3.49
N GLY B 573 23.48 -24.68 -4.49
CA GLY B 573 23.95 -25.15 -5.78
C GLY B 573 24.91 -24.12 -6.35
N GLY B 574 25.97 -24.60 -6.99
CA GLY B 574 26.94 -23.69 -7.58
C GLY B 574 27.48 -24.21 -8.90
N ILE B 575 27.69 -23.30 -9.84
CA ILE B 575 28.22 -23.66 -11.15
C ILE B 575 29.29 -22.65 -11.55
N THR B 576 30.19 -23.08 -12.43
CA THR B 576 31.26 -22.20 -12.90
C THR B 576 31.29 -22.29 -14.42
N ASP B 577 32.07 -21.41 -15.05
CA ASP B 577 32.19 -21.45 -16.50
C ASP B 577 33.25 -22.49 -16.86
N TRP B 578 33.97 -22.30 -17.95
CA TRP B 578 34.98 -23.27 -18.34
C TRP B 578 36.26 -23.27 -17.53
N SER B 579 36.37 -22.39 -16.54
CA SER B 579 37.57 -22.39 -15.73
C SER B 579 37.30 -23.05 -14.39
N ALA B 580 38.19 -23.93 -13.95
CA ALA B 580 38.05 -24.61 -12.67
C ALA B 580 38.01 -23.48 -11.63
N ARG B 581 37.28 -23.68 -10.54
CA ARG B 581 37.16 -22.62 -9.55
C ARG B 581 36.95 -23.16 -8.14
N ASP B 582 37.59 -22.53 -7.16
CA ASP B 582 37.43 -22.94 -5.77
C ASP B 582 36.46 -22.00 -5.07
N ILE B 583 35.42 -22.57 -4.49
CA ILE B 583 34.39 -21.80 -3.82
C ILE B 583 34.25 -22.16 -2.35
N GLU B 584 33.88 -21.18 -1.53
CA GLU B 584 33.67 -21.43 -0.12
C GLU B 584 32.24 -21.02 0.19
N VAL B 585 31.50 -21.92 0.82
CA VAL B 585 30.13 -21.64 1.18
C VAL B 585 30.05 -21.29 2.66
N ASP B 586 29.63 -20.07 2.95
CA ASP B 586 29.50 -19.63 4.34
C ASP B 586 28.08 -20.02 4.75
N CYS B 587 27.98 -21.01 5.63
CA CYS B 587 26.68 -21.51 6.08
C CYS B 587 26.00 -20.67 7.17
N SER B 588 26.36 -19.39 7.26
CA SER B 588 25.77 -18.52 8.27
C SER B 588 24.26 -18.38 8.09
N PHE B 589 23.74 -18.79 6.93
CA PHE B 589 22.31 -18.70 6.65
C PHE B 589 21.52 -19.79 7.33
N LEU B 590 22.20 -20.82 7.81
CA LEU B 590 21.54 -21.94 8.49
C LEU B 590 20.96 -21.56 9.85
N GLY B 591 20.14 -22.45 10.39
CA GLY B 591 19.53 -22.22 11.70
C GLY B 591 20.49 -22.57 12.82
N ASP B 592 19.98 -22.60 14.06
CA ASP B 592 20.81 -22.91 15.21
C ASP B 592 21.00 -24.38 15.53
N LYS B 593 20.15 -25.24 14.97
CA LYS B 593 20.25 -26.66 15.23
C LYS B 593 21.42 -27.31 14.49
N SER B 594 21.59 -28.62 14.69
CA SER B 594 22.65 -29.37 14.05
C SER B 594 22.09 -30.03 12.80
N TYR B 595 22.75 -29.79 11.66
CA TYR B 595 22.32 -30.32 10.38
C TYR B 595 23.20 -31.45 9.85
N HIS B 596 22.70 -32.11 8.81
CA HIS B 596 23.42 -33.19 8.15
C HIS B 596 23.50 -32.84 6.67
N ALA B 597 24.72 -32.74 6.16
CA ALA B 597 24.95 -32.38 4.78
C ALA B 597 25.24 -33.55 3.85
N THR B 598 24.73 -33.43 2.62
CA THR B 598 24.94 -34.41 1.56
C THR B 598 25.47 -33.58 0.41
N LEU B 599 26.72 -33.80 0.04
CA LEU B 599 27.35 -33.04 -1.01
C LEU B 599 27.71 -33.82 -2.27
N PHE B 600 27.33 -33.28 -3.42
CA PHE B 600 27.69 -33.87 -4.71
C PHE B 600 28.71 -32.92 -5.29
N LYS B 601 29.96 -33.35 -5.39
CA LYS B 601 31.02 -32.52 -5.94
C LYS B 601 31.64 -33.20 -7.16
N ASP B 602 32.31 -32.41 -7.99
CA ASP B 602 32.96 -32.94 -9.18
C ASP B 602 34.07 -33.90 -8.75
N GLY B 603 34.24 -34.99 -9.50
CA GLY B 603 35.28 -35.96 -9.21
C GLY B 603 36.62 -35.38 -9.62
N VAL B 604 37.72 -35.93 -9.10
CA VAL B 604 39.05 -35.41 -9.42
C VAL B 604 39.38 -35.52 -10.91
N ASN B 605 38.60 -36.30 -11.66
CA ASN B 605 38.84 -36.40 -13.09
C ASN B 605 37.68 -35.86 -13.90
N ALA B 606 36.84 -35.05 -13.28
CA ALA B 606 35.68 -34.46 -13.95
C ALA B 606 36.06 -33.59 -15.13
N HIS B 607 37.34 -33.23 -15.23
CA HIS B 607 37.80 -32.41 -16.34
C HIS B 607 38.10 -33.23 -17.59
N ARG B 608 38.09 -34.55 -17.45
CA ARG B 608 38.35 -35.45 -18.58
C ARG B 608 37.13 -36.32 -18.87
N ALA B 609 36.38 -36.63 -17.81
CA ALA B 609 35.17 -37.43 -17.89
C ALA B 609 34.13 -36.67 -17.06
N GLY B 610 33.32 -35.87 -17.74
CA GLY B 610 32.32 -35.05 -17.08
C GLY B 610 31.37 -35.72 -16.10
N ARG B 611 31.13 -37.01 -16.30
CA ARG B 611 30.21 -37.76 -15.45
C ARG B 611 30.79 -37.97 -14.05
N ASP B 612 32.11 -37.89 -13.94
CA ASP B 612 32.81 -38.11 -12.68
C ASP B 612 32.37 -37.19 -11.54
N TYR B 613 31.84 -37.80 -10.49
CA TYR B 613 31.39 -37.06 -9.32
C TYR B 613 31.62 -37.89 -8.08
N LYS B 614 31.45 -37.28 -6.92
CA LYS B 614 31.60 -37.97 -5.66
C LYS B 614 30.57 -37.43 -4.69
N CYS B 615 29.88 -38.34 -4.02
CA CYS B 615 28.88 -37.96 -3.05
C CYS B 615 29.42 -38.32 -1.68
N GLU B 616 29.28 -37.39 -0.73
CA GLU B 616 29.75 -37.64 0.63
C GLU B 616 28.87 -36.94 1.65
N SER B 617 28.78 -37.51 2.84
CA SER B 617 27.97 -36.95 3.91
C SER B 617 28.81 -36.50 5.09
N PHE B 618 28.24 -35.61 5.89
CA PHE B 618 28.92 -35.09 7.07
C PHE B 618 28.03 -34.10 7.82
N PRO B 619 28.27 -33.95 9.14
CA PRO B 619 27.46 -33.01 9.92
C PRO B 619 27.94 -31.60 9.67
N ILE B 620 27.07 -30.61 9.86
CA ILE B 620 27.44 -29.22 9.64
C ILE B 620 26.54 -28.27 10.44
N LYS B 621 27.06 -27.07 10.73
CA LYS B 621 26.30 -26.08 11.48
C LYS B 621 26.39 -24.69 10.86
N LYS B 622 25.65 -23.77 11.47
CA LYS B 622 25.59 -22.38 11.02
C LYS B 622 26.96 -21.72 10.86
N ASP B 623 27.96 -22.19 11.60
CA ASP B 623 29.29 -21.60 11.54
C ASP B 623 30.20 -22.22 10.48
N GLY B 624 29.73 -23.29 9.85
CA GLY B 624 30.53 -23.96 8.84
C GLY B 624 30.98 -23.14 7.65
N LYS B 625 32.17 -23.46 7.15
CA LYS B 625 32.75 -22.81 6.00
C LYS B 625 33.14 -23.95 5.05
N LEU B 626 32.21 -24.32 4.19
CA LEU B 626 32.41 -25.41 3.24
C LEU B 626 33.21 -25.05 2.00
N LYS B 627 34.36 -25.70 1.84
CA LYS B 627 35.22 -25.47 0.69
C LYS B 627 34.97 -26.55 -0.36
N VAL B 628 34.73 -26.13 -1.60
CA VAL B 628 34.47 -27.06 -2.67
C VAL B 628 35.18 -26.66 -3.96
N HIS B 629 35.72 -27.65 -4.66
CA HIS B 629 36.40 -27.40 -5.92
C HIS B 629 35.45 -27.70 -7.07
N LEU B 630 35.38 -26.80 -8.04
CA LEU B 630 34.54 -26.99 -9.21
C LEU B 630 35.44 -27.18 -10.41
N ALA B 631 35.24 -28.28 -11.14
CA ALA B 631 36.02 -28.57 -12.34
C ALA B 631 35.53 -27.68 -13.47
N PRO B 632 36.26 -27.65 -14.59
CA PRO B 632 35.82 -26.83 -15.72
C PRO B 632 34.39 -27.24 -16.14
N GLY B 633 33.52 -26.26 -16.35
CA GLY B 633 32.16 -26.57 -16.74
C GLY B 633 31.44 -27.40 -15.68
N GLY B 634 31.90 -27.31 -14.44
CA GLY B 634 31.29 -28.08 -13.38
C GLY B 634 30.48 -27.31 -12.34
N GLY B 635 30.35 -27.89 -11.16
CA GLY B 635 29.61 -27.27 -10.09
C GLY B 635 29.39 -28.24 -8.95
N PHE B 636 28.50 -27.90 -8.03
CA PHE B 636 28.20 -28.78 -6.92
C PHE B 636 26.77 -28.60 -6.45
N ALA B 637 26.24 -29.61 -5.78
CA ALA B 637 24.88 -29.57 -5.26
C ALA B 637 24.97 -30.04 -3.82
N LEU B 638 24.37 -29.27 -2.92
CA LEU B 638 24.42 -29.59 -1.51
C LEU B 638 23.04 -29.59 -0.85
N LYS B 639 22.81 -30.60 -0.02
CA LYS B 639 21.55 -30.73 0.72
C LYS B 639 21.90 -30.64 2.20
N ILE B 640 21.20 -29.77 2.92
CA ILE B 640 21.43 -29.56 4.35
C ILE B 640 20.09 -29.72 5.05
N LYS B 641 19.91 -30.85 5.72
CA LYS B 641 18.68 -31.18 6.42
C LYS B 641 18.94 -31.35 7.92
#